data_4KD5
#
_entry.id   4KD5
#
_cell.length_a   123.644
_cell.length_b   141.068
_cell.length_c   122.590
_cell.angle_alpha   90.00
_cell.angle_beta   90.00
_cell.angle_gamma   90.00
#
_symmetry.space_group_name_H-M   'C 2 2 21'
#
loop_
_entity.id
_entity.type
_entity.pdbx_description
1 polymer 'ABC-type transport system, molybdenum-specific extracellular solute-binding protein'
2 non-polymer 'FORMIC ACID'
3 non-polymer 2-BUTANOL
4 non-polymer 'SULFATE ION'
5 water water
#
_entity_poly.entity_id   1
_entity_poly.type   'polypeptide(L)'
_entity_poly.pdbx_seq_one_letter_code
;SNADSVELNISAAASLKEA(MSE)AKIEEEYKKVDSNVKLTVNYGASGSLQQQIEQGAPCDLFISAGQKQ(MSE)KVLDE
EKLLVSDT(MSE)KDLVKNDLVLISSADSSVSG(MSE)KDLTTDKVKKIAVGEAESVPAGKYADEVLTNLNLKDKLKDKL
VFAKDVKEVLAWVQSGNADVGFVYFSDTVNNDKIKVVEKTDEKTHSPITYPVSVIKASKNVDAAKKFEEFLLSESGQKIF
EEFGYKKVE
;
_entity_poly.pdbx_strand_id   C,A,B,D
#
# COMPACT_ATOMS: atom_id res chain seq x y z
N SER A 5 0.73 10.32 -8.32
CA SER A 5 0.49 9.40 -9.43
C SER A 5 1.52 8.27 -9.46
N VAL A 6 1.09 7.09 -9.90
CA VAL A 6 1.96 5.92 -9.93
C VAL A 6 1.99 5.30 -11.34
N GLU A 7 3.19 4.95 -11.79
CA GLU A 7 3.35 4.27 -13.07
C GLU A 7 3.85 2.85 -12.85
N LEU A 8 2.98 1.87 -13.12
CA LEU A 8 3.34 0.46 -12.97
C LEU A 8 3.79 -0.14 -14.30
N ASN A 9 4.91 -0.85 -14.29
CA ASN A 9 5.35 -1.59 -15.46
C ASN A 9 4.89 -3.03 -15.37
N ILE A 10 4.04 -3.45 -16.30
CA ILE A 10 3.58 -4.84 -16.34
C ILE A 10 4.14 -5.55 -17.57
N SER A 11 4.79 -6.69 -17.35
CA SER A 11 5.21 -7.55 -18.45
C SER A 11 4.32 -8.78 -18.47
N ALA A 12 3.74 -9.09 -19.63
CA ALA A 12 2.80 -10.20 -19.76
C ALA A 12 3.08 -11.00 -21.02
N ALA A 13 2.64 -12.25 -21.04
CA ALA A 13 2.76 -13.08 -22.23
C ALA A 13 1.97 -12.42 -23.36
N ALA A 14 2.55 -12.38 -24.56
CA ALA A 14 1.94 -11.68 -25.69
C ALA A 14 0.55 -12.18 -26.09
N SER A 15 0.13 -13.29 -25.49
N SER A 15 0.14 -13.32 -25.53
CA SER A 15 -1.19 -13.85 -25.77
CA SER A 15 -1.16 -13.91 -25.80
C SER A 15 -2.28 -13.10 -25.02
C SER A 15 -2.29 -13.18 -25.07
N LEU A 16 -1.89 -12.40 -23.95
N LEU A 16 -1.92 -12.40 -24.05
CA LEU A 16 -2.85 -11.69 -23.10
CA LEU A 16 -2.90 -11.74 -23.19
C LEU A 16 -3.19 -10.29 -23.61
C LEU A 16 -3.19 -10.31 -23.61
N LYS A 17 -2.55 -9.87 -24.69
CA LYS A 17 -2.66 -8.47 -25.17
C LYS A 17 -4.08 -7.92 -25.29
N GLU A 18 -4.99 -8.74 -25.83
N GLU A 18 -4.99 -8.73 -25.83
CA GLU A 18 -6.35 -8.29 -26.04
CA GLU A 18 -6.36 -8.29 -26.05
C GLU A 18 -7.11 -8.12 -24.73
C GLU A 18 -7.11 -8.12 -24.73
N ALA A 19 -6.81 -8.98 -23.75
CA ALA A 19 -7.46 -8.90 -22.45
C ALA A 19 -6.95 -7.73 -21.62
N ALA A 21 -5.91 -4.89 -22.51
CA ALA A 21 -6.41 -3.59 -22.96
C ALA A 21 -7.72 -3.22 -22.25
N LYS A 22 -8.60 -4.21 -22.08
CA LYS A 22 -9.84 -3.99 -21.35
C LYS A 22 -9.55 -3.86 -19.85
N ILE A 23 -8.49 -4.53 -19.40
CA ILE A 23 -8.02 -4.40 -18.02
C ILE A 23 -7.57 -2.96 -17.71
N GLU A 24 -6.88 -2.34 -18.67
CA GLU A 24 -6.38 -0.98 -18.50
C GLU A 24 -7.50 0.05 -18.39
N GLU A 25 -8.43 0.02 -19.34
CA GLU A 25 -9.55 0.98 -19.35
C GLU A 25 -10.48 0.80 -18.16
N GLU A 26 -10.54 -0.43 -17.64
CA GLU A 26 -11.45 -0.74 -16.54
C GLU A 26 -10.83 -0.42 -15.18
N TYR A 27 -9.51 -0.54 -15.08
CA TYR A 27 -8.82 -0.20 -13.84
C TYR A 27 -8.74 1.31 -13.69
N LYS A 28 -8.67 2.00 -14.82
CA LYS A 28 -8.61 3.45 -14.83
C LYS A 28 -9.89 4.04 -14.22
N LYS A 29 -10.99 3.31 -14.37
CA LYS A 29 -12.29 3.75 -13.87
C LYS A 29 -12.42 3.58 -12.35
N VAL A 30 -11.61 2.70 -11.78
CA VAL A 30 -11.65 2.45 -10.33
C VAL A 30 -10.41 2.96 -9.61
N ASP A 31 -9.46 3.53 -10.36
CA ASP A 31 -8.25 4.12 -9.80
C ASP A 31 -7.58 5.06 -10.80
N SER A 32 -7.93 6.34 -10.73
CA SER A 32 -7.39 7.34 -11.65
C SER A 32 -5.89 7.58 -11.48
N ASN A 33 -5.35 7.20 -10.32
CA ASN A 33 -3.98 7.53 -9.96
C ASN A 33 -2.90 6.61 -10.52
N VAL A 34 -3.29 5.55 -11.21
CA VAL A 34 -2.33 4.61 -11.76
C VAL A 34 -2.29 4.64 -13.28
N LYS A 35 -1.09 4.80 -13.82
CA LYS A 35 -0.85 4.67 -15.26
C LYS A 35 -0.16 3.34 -15.50
N LEU A 36 -0.72 2.51 -16.37
CA LEU A 36 -0.15 1.21 -16.65
C LEU A 36 0.62 1.20 -17.96
N THR A 37 1.84 0.67 -17.94
CA THR A 37 2.62 0.48 -19.17
C THR A 37 2.86 -1.02 -19.38
N VAL A 38 2.18 -1.59 -20.36
CA VAL A 38 2.25 -3.04 -20.56
C VAL A 38 3.19 -3.44 -21.69
N ASN A 39 4.22 -4.20 -21.34
CA ASN A 39 5.16 -4.73 -22.32
C ASN A 39 4.89 -6.21 -22.57
N TYR A 40 4.88 -6.61 -23.83
CA TYR A 40 4.60 -8.00 -24.18
C TYR A 40 5.83 -8.71 -24.73
N GLY A 41 5.91 -10.02 -24.46
CA GLY A 41 7.01 -10.82 -24.98
C GLY A 41 6.88 -12.30 -24.63
N ALA A 42 7.91 -13.08 -24.96
CA ALA A 42 7.96 -14.48 -24.59
C ALA A 42 8.40 -14.63 -23.14
N SER A 43 7.66 -15.43 -22.38
CA SER A 43 7.84 -15.55 -20.94
C SER A 43 9.28 -15.79 -20.51
N GLY A 44 9.99 -16.65 -21.24
CA GLY A 44 11.37 -16.95 -20.94
C GLY A 44 12.30 -15.76 -21.04
N SER A 45 12.11 -14.93 -22.06
CA SER A 45 12.93 -13.74 -22.26
C SER A 45 12.56 -12.64 -21.25
N LEU A 46 11.28 -12.54 -20.96
CA LEU A 46 10.79 -11.63 -19.93
C LEU A 46 11.42 -11.97 -18.59
N GLN A 47 11.59 -13.26 -18.34
CA GLN A 47 12.27 -13.75 -17.13
C GLN A 47 13.71 -13.23 -17.07
N GLN A 48 14.40 -13.30 -18.21
CA GLN A 48 15.79 -12.86 -18.32
C GLN A 48 15.96 -11.38 -18.00
N GLN A 49 15.06 -10.55 -18.49
CA GLN A 49 15.09 -9.12 -18.21
C GLN A 49 14.95 -8.81 -16.73
N ILE A 50 14.00 -9.48 -16.08
CA ILE A 50 13.80 -9.35 -14.65
C ILE A 50 15.07 -9.80 -13.91
N GLU A 51 15.73 -10.83 -14.45
CA GLU A 51 16.98 -11.32 -13.89
C GLU A 51 18.14 -10.34 -14.08
N GLN A 52 18.05 -9.53 -15.14
CA GLN A 52 19.07 -8.52 -15.41
C GLN A 52 18.84 -7.28 -14.56
N GLY A 53 17.63 -7.12 -14.04
CA GLY A 53 17.30 -5.99 -13.19
C GLY A 53 16.47 -4.92 -13.89
N ALA A 54 15.77 -5.32 -14.94
CA ALA A 54 14.88 -4.41 -15.66
C ALA A 54 13.71 -4.04 -14.76
N PRO A 55 13.40 -2.73 -14.69
CA PRO A 55 12.41 -2.18 -13.75
C PRO A 55 10.98 -2.60 -14.07
N CYS A 56 10.63 -3.82 -13.68
N CYS A 56 10.63 -3.83 -13.68
CA CYS A 56 9.27 -4.31 -13.88
CA CYS A 56 9.28 -4.35 -13.88
C CYS A 56 8.56 -4.40 -12.54
C CYS A 56 8.56 -4.46 -12.54
N ASP A 57 7.26 -4.14 -12.53
CA ASP A 57 6.49 -4.15 -11.29
C ASP A 57 5.65 -5.40 -11.11
N LEU A 58 4.97 -5.82 -12.16
CA LEU A 58 4.17 -7.03 -12.14
C LEU A 58 4.50 -7.89 -13.36
N PHE A 59 4.47 -9.22 -13.19
CA PHE A 59 4.76 -10.14 -14.28
C PHE A 59 3.67 -11.20 -14.39
N ILE A 60 3.10 -11.34 -15.59
CA ILE A 60 2.11 -12.38 -15.86
C ILE A 60 2.71 -13.36 -16.87
N SER A 61 2.83 -14.62 -16.47
CA SER A 61 3.52 -15.61 -17.30
C SER A 61 2.58 -16.57 -18.00
N ALA A 62 3.11 -17.30 -18.99
CA ALA A 62 2.34 -18.30 -19.72
C ALA A 62 2.41 -19.65 -19.03
N GLY A 63 3.47 -19.86 -18.25
CA GLY A 63 3.67 -21.12 -17.56
C GLY A 63 4.30 -20.94 -16.20
N GLN A 64 4.40 -22.04 -15.45
CA GLN A 64 4.91 -22.00 -14.08
C GLN A 64 6.43 -22.12 -14.00
N LYS A 65 7.05 -22.57 -15.08
CA LYS A 65 8.50 -22.82 -15.13
C LYS A 65 9.32 -21.56 -14.82
N GLN A 66 8.97 -20.45 -15.45
CA GLN A 66 9.72 -19.21 -15.29
C GLN A 66 9.53 -18.54 -13.92
N LYS A 68 9.14 -20.26 -11.11
CA LYS A 68 9.94 -21.05 -10.19
C LYS A 68 11.40 -20.62 -10.13
N VAL A 69 11.98 -20.33 -11.29
CA VAL A 69 13.35 -19.85 -11.36
C VAL A 69 13.47 -18.50 -10.66
N LEU A 70 12.61 -17.57 -11.06
CA LEU A 70 12.58 -16.23 -10.47
C LEU A 70 12.45 -16.26 -8.95
N ASP A 71 11.64 -17.18 -8.43
CA ASP A 71 11.44 -17.29 -6.98
C ASP A 71 12.67 -17.93 -6.33
N GLU A 72 13.31 -18.85 -7.04
CA GLU A 72 14.54 -19.48 -6.58
C GLU A 72 15.65 -18.44 -6.44
N GLU A 73 15.66 -17.46 -7.34
CA GLU A 73 16.65 -16.39 -7.32
C GLU A 73 16.15 -15.20 -6.50
N LYS A 74 15.00 -15.38 -5.85
CA LYS A 74 14.42 -14.38 -4.95
C LYS A 74 14.14 -13.02 -5.60
N LEU A 75 13.68 -13.05 -6.84
CA LEU A 75 13.36 -11.83 -7.58
C LEU A 75 11.87 -11.51 -7.52
N LEU A 76 11.13 -12.30 -6.73
CA LEU A 76 9.69 -12.13 -6.59
C LEU A 76 9.29 -11.81 -5.16
N VAL A 77 8.19 -11.08 -5.00
CA VAL A 77 7.52 -10.99 -3.72
C VAL A 77 6.68 -12.27 -3.60
N SER A 78 7.24 -13.26 -2.90
CA SER A 78 6.71 -14.63 -2.89
C SER A 78 5.22 -14.78 -2.57
N ASP A 79 4.75 -14.07 -1.56
CA ASP A 79 3.35 -14.19 -1.13
C ASP A 79 2.35 -13.61 -2.14
N THR A 80 2.85 -12.97 -3.20
CA THR A 80 1.99 -12.46 -4.25
C THR A 80 1.87 -13.45 -5.41
N LYS A 82 0.41 -16.09 -7.49
CA LYS A 82 -0.93 -16.64 -7.64
C LYS A 82 -1.20 -17.08 -9.07
N ASP A 83 -2.19 -17.94 -9.24
CA ASP A 83 -2.67 -18.30 -10.56
C ASP A 83 -3.77 -17.34 -10.97
N LEU A 84 -3.48 -16.51 -11.97
CA LEU A 84 -4.43 -15.51 -12.43
C LEU A 84 -5.62 -16.16 -13.14
N VAL A 85 -5.38 -16.65 -14.35
CA VAL A 85 -6.39 -17.40 -15.09
C VAL A 85 -5.78 -18.66 -15.67
N LYS A 86 -6.63 -19.51 -16.23
CA LYS A 86 -6.17 -20.70 -16.91
C LYS A 86 -6.91 -20.82 -18.24
N ASN A 87 -6.34 -21.56 -19.18
CA ASN A 87 -7.00 -21.76 -20.45
C ASN A 87 -7.59 -23.15 -20.55
N ASP A 88 -8.44 -23.36 -21.55
CA ASP A 88 -8.98 -24.69 -21.80
C ASP A 88 -8.57 -25.17 -23.18
N LEU A 89 -8.26 -26.47 -23.29
CA LEU A 89 -7.95 -27.07 -24.59
C LEU A 89 -9.27 -27.54 -25.18
N VAL A 90 -9.62 -27.00 -26.35
CA VAL A 90 -10.92 -27.32 -26.94
C VAL A 90 -10.82 -27.97 -28.31
N LEU A 91 -11.88 -28.66 -28.69
CA LEU A 91 -12.00 -29.28 -30.01
C LEU A 91 -12.86 -28.40 -30.90
N ILE A 92 -12.32 -27.96 -32.02
CA ILE A 92 -13.06 -27.08 -32.94
C ILE A 92 -13.36 -27.74 -34.29
N SER A 93 -14.34 -27.18 -34.99
CA SER A 93 -14.66 -27.58 -36.35
C SER A 93 -15.18 -26.33 -37.07
N SER A 94 -15.55 -26.47 -38.34
CA SER A 94 -16.18 -25.35 -39.05
C SER A 94 -17.57 -25.13 -38.46
N ALA A 95 -18.15 -23.96 -38.68
CA ALA A 95 -19.45 -23.63 -38.10
C ALA A 95 -20.57 -24.54 -38.60
N ASP A 96 -20.49 -24.93 -39.87
CA ASP A 96 -21.52 -25.77 -40.48
C ASP A 96 -21.14 -27.25 -40.52
N SER A 97 -20.07 -27.60 -39.79
CA SER A 97 -19.47 -28.92 -39.84
C SER A 97 -20.38 -30.09 -39.47
N SER A 98 -21.07 -29.96 -38.34
CA SER A 98 -21.90 -31.02 -37.75
C SER A 98 -21.12 -32.19 -37.13
N VAL A 99 -19.85 -31.96 -36.78
CA VAL A 99 -19.11 -32.88 -35.92
C VAL A 99 -19.67 -32.76 -34.50
N SER A 100 -19.98 -33.89 -33.87
CA SER A 100 -20.70 -33.90 -32.59
C SER A 100 -19.82 -33.72 -31.34
N GLY A 101 -18.71 -34.45 -31.28
CA GLY A 101 -17.85 -34.40 -30.10
C GLY A 101 -16.56 -35.18 -30.20
N LYS A 103 -16.00 -38.20 -29.25
CA LYS A 103 -16.27 -39.57 -29.71
C LYS A 103 -16.12 -39.67 -31.22
N ASP A 104 -16.40 -38.58 -31.91
CA ASP A 104 -16.36 -38.53 -33.38
C ASP A 104 -14.94 -38.54 -33.95
N LEU A 105 -13.94 -38.46 -33.08
CA LEU A 105 -12.54 -38.53 -33.51
C LEU A 105 -12.22 -39.93 -34.06
N THR A 106 -12.84 -40.94 -33.48
CA THR A 106 -12.57 -42.33 -33.82
C THR A 106 -13.35 -42.80 -35.05
N THR A 107 -14.43 -42.10 -35.36
CA THR A 107 -15.30 -42.45 -36.48
C THR A 107 -14.71 -42.04 -37.82
N ASP A 108 -15.38 -42.43 -38.90
CA ASP A 108 -14.96 -42.07 -40.25
C ASP A 108 -15.40 -40.66 -40.63
N LYS A 109 -16.17 -40.03 -39.75
CA LYS A 109 -16.66 -38.68 -39.99
C LYS A 109 -15.52 -37.66 -40.08
N VAL A 110 -14.48 -37.87 -39.27
CA VAL A 110 -13.30 -37.02 -39.35
C VAL A 110 -12.13 -37.78 -39.97
N LYS A 111 -11.43 -37.12 -40.88
CA LYS A 111 -10.32 -37.72 -41.58
C LYS A 111 -9.02 -37.01 -41.22
N LYS A 112 -9.11 -35.72 -40.95
CA LYS A 112 -7.93 -34.92 -40.67
C LYS A 112 -8.08 -34.10 -39.39
N ILE A 113 -7.27 -34.44 -38.40
CA ILE A 113 -7.26 -33.75 -37.10
C ILE A 113 -6.07 -32.79 -37.03
N ALA A 114 -6.36 -31.49 -36.94
CA ALA A 114 -5.30 -30.48 -36.89
C ALA A 114 -4.83 -30.24 -35.46
N VAL A 115 -3.53 -30.36 -35.22
CA VAL A 115 -2.94 -30.03 -33.92
C VAL A 115 -1.63 -29.26 -34.12
N GLY A 116 -1.19 -28.56 -33.08
CA GLY A 116 0.10 -27.89 -33.13
C GLY A 116 1.22 -28.90 -32.99
N GLU A 117 2.40 -28.57 -33.51
CA GLU A 117 3.56 -29.44 -33.36
C GLU A 117 3.84 -29.67 -31.87
N ALA A 118 3.96 -30.94 -31.48
CA ALA A 118 3.93 -31.34 -30.07
C ALA A 118 5.02 -30.74 -29.17
N GLU A 119 6.03 -30.12 -29.77
CA GLU A 119 7.09 -29.49 -28.99
C GLU A 119 7.20 -27.99 -29.21
N SER A 120 6.95 -27.56 -30.43
CA SER A 120 7.09 -26.14 -30.79
C SER A 120 5.87 -25.30 -30.38
N VAL A 121 4.71 -25.94 -30.29
CA VAL A 121 3.46 -25.24 -30.00
C VAL A 121 2.83 -25.75 -28.71
N PRO A 122 2.66 -24.87 -27.72
CA PRO A 122 2.09 -25.27 -26.42
C PRO A 122 0.71 -25.93 -26.53
N ALA A 123 -0.15 -25.42 -27.41
CA ALA A 123 -1.44 -26.05 -27.64
C ALA A 123 -1.29 -27.45 -28.23
N GLY A 124 -0.19 -27.67 -28.95
CA GLY A 124 0.12 -28.99 -29.49
C GLY A 124 0.64 -29.91 -28.39
N LYS A 125 1.42 -29.34 -27.48
CA LYS A 125 1.94 -30.09 -26.34
C LYS A 125 0.82 -30.61 -25.44
N TYR A 126 -0.24 -29.83 -25.30
CA TYR A 126 -1.36 -30.23 -24.46
C TYR A 126 -2.32 -31.14 -25.22
N ALA A 127 -2.39 -30.97 -26.53
CA ALA A 127 -3.17 -31.87 -27.37
C ALA A 127 -2.56 -33.27 -27.32
N ASP A 128 -1.23 -33.33 -27.31
CA ASP A 128 -0.51 -34.58 -27.22
C ASP A 128 -0.80 -35.26 -25.89
N GLU A 129 -0.90 -34.48 -24.81
CA GLU A 129 -1.21 -35.03 -23.50
C GLU A 129 -2.60 -35.67 -23.47
N VAL A 130 -3.59 -34.95 -23.98
CA VAL A 130 -4.96 -35.44 -24.03
C VAL A 130 -5.06 -36.77 -24.80
N LEU A 131 -4.55 -36.78 -26.01
CA LEU A 131 -4.61 -37.97 -26.86
C LEU A 131 -3.84 -39.15 -26.25
N THR A 132 -2.74 -38.84 -25.58
CA THR A 132 -1.94 -39.85 -24.88
C THR A 132 -2.73 -40.46 -23.71
N ASN A 133 -3.21 -39.60 -22.82
CA ASN A 133 -3.97 -40.02 -21.66
C ASN A 133 -5.29 -40.73 -21.99
N LEU A 134 -5.92 -40.33 -23.09
CA LEU A 134 -7.16 -40.96 -23.54
C LEU A 134 -6.89 -42.19 -24.42
N ASN A 135 -5.60 -42.55 -24.57
CA ASN A 135 -5.19 -43.71 -25.34
C ASN A 135 -5.66 -43.66 -26.79
N LEU A 136 -5.63 -42.46 -27.37
CA LEU A 136 -6.10 -42.25 -28.73
C LEU A 136 -4.95 -41.90 -29.67
N LYS A 137 -3.77 -41.67 -29.10
CA LYS A 137 -2.65 -41.13 -29.88
C LYS A 137 -2.17 -42.06 -31.00
N ASP A 138 -2.17 -43.37 -30.74
CA ASP A 138 -1.76 -44.33 -31.77
C ASP A 138 -2.83 -44.50 -32.85
N LYS A 139 -4.07 -44.75 -32.43
CA LYS A 139 -5.18 -44.95 -33.35
C LYS A 139 -5.35 -43.80 -34.35
N LEU A 140 -4.98 -42.59 -33.92
CA LEU A 140 -5.26 -41.37 -34.67
C LEU A 140 -4.09 -40.89 -35.51
N LYS A 141 -2.98 -41.63 -35.47
CA LYS A 141 -1.73 -41.23 -36.14
C LYS A 141 -1.93 -40.99 -37.63
N ASP A 142 -2.84 -41.73 -38.24
CA ASP A 142 -3.14 -41.58 -39.67
C ASP A 142 -3.98 -40.34 -39.97
N LYS A 143 -4.53 -39.72 -38.93
CA LYS A 143 -5.38 -38.55 -39.09
C LYS A 143 -4.67 -37.26 -38.70
N LEU A 144 -3.65 -37.39 -37.86
CA LEU A 144 -2.97 -36.23 -37.29
C LEU A 144 -2.15 -35.42 -38.30
N VAL A 145 -2.47 -34.14 -38.44
CA VAL A 145 -1.66 -33.20 -39.20
C VAL A 145 -1.17 -32.08 -38.28
N PHE A 146 0.03 -31.57 -38.52
CA PHE A 146 0.68 -30.70 -37.56
C PHE A 146 0.94 -29.28 -38.08
N ALA A 147 0.41 -28.28 -37.36
CA ALA A 147 0.55 -26.87 -37.75
C ALA A 147 1.65 -26.14 -36.96
N LYS A 148 2.13 -25.03 -37.52
CA LYS A 148 3.20 -24.25 -36.90
C LYS A 148 2.71 -23.42 -35.71
N ASP A 149 1.42 -23.13 -35.72
CA ASP A 149 0.78 -22.45 -34.59
C ASP A 149 -0.76 -22.56 -34.64
N VAL A 150 -1.42 -22.10 -33.57
CA VAL A 150 -2.87 -22.22 -33.48
C VAL A 150 -3.60 -21.42 -34.56
N LYS A 151 -2.93 -20.40 -35.07
CA LYS A 151 -3.51 -19.57 -36.13
C LYS A 151 -3.60 -20.36 -37.42
N GLU A 152 -2.65 -21.26 -37.63
CA GLU A 152 -2.70 -22.15 -38.79
C GLU A 152 -3.71 -23.27 -38.58
N VAL A 153 -3.85 -23.73 -37.33
CA VAL A 153 -4.84 -24.75 -37.00
C VAL A 153 -6.25 -24.26 -37.33
N LEU A 154 -6.56 -23.06 -36.86
CA LEU A 154 -7.87 -22.44 -37.12
C LEU A 154 -8.13 -22.24 -38.60
N ALA A 155 -7.09 -21.86 -39.35
CA ALA A 155 -7.22 -21.61 -40.78
C ALA A 155 -7.55 -22.88 -41.56
N TRP A 156 -6.91 -23.99 -41.20
CA TRP A 156 -7.12 -25.29 -41.81
C TRP A 156 -8.54 -25.77 -41.57
N VAL A 157 -9.01 -25.58 -40.33
CA VAL A 157 -10.33 -26.04 -39.92
C VAL A 157 -11.42 -25.19 -40.57
N GLN A 158 -11.17 -23.89 -40.68
CA GLN A 158 -12.09 -22.97 -41.34
C GLN A 158 -12.25 -23.29 -42.82
N SER A 159 -11.14 -23.69 -43.45
CA SER A 159 -11.12 -23.94 -44.89
C SER A 159 -11.50 -25.37 -45.23
N GLY A 160 -11.67 -26.21 -44.20
CA GLY A 160 -12.09 -27.58 -44.40
C GLY A 160 -10.96 -28.55 -44.67
N ASN A 161 -9.74 -28.02 -44.75
CA ASN A 161 -8.55 -28.85 -44.95
C ASN A 161 -8.37 -29.85 -43.82
N ALA A 162 -8.79 -29.46 -42.63
CA ALA A 162 -8.88 -30.38 -41.50
C ALA A 162 -10.32 -30.40 -41.01
N ASP A 163 -10.82 -31.58 -40.69
CA ASP A 163 -12.20 -31.71 -40.21
C ASP A 163 -12.35 -31.10 -38.82
N VAL A 164 -11.43 -31.43 -37.93
CA VAL A 164 -11.43 -30.87 -36.58
C VAL A 164 -10.04 -30.34 -36.19
N GLY A 165 -9.97 -29.68 -35.04
CA GLY A 165 -8.71 -29.15 -34.55
C GLY A 165 -8.65 -29.04 -33.03
N PHE A 166 -7.43 -28.93 -32.51
CA PHE A 166 -7.23 -28.71 -31.08
C PHE A 166 -6.62 -27.34 -30.84
N VAL A 167 -7.23 -26.57 -29.96
CA VAL A 167 -6.88 -25.16 -29.82
C VAL A 167 -7.30 -24.66 -28.43
N TYR A 168 -6.73 -23.53 -27.98
CA TYR A 168 -7.18 -22.93 -26.72
C TYR A 168 -8.52 -22.25 -26.92
N PHE A 169 -9.35 -22.19 -25.89
CA PHE A 169 -10.64 -21.52 -26.01
C PHE A 169 -10.46 -20.05 -26.35
N SER A 170 -9.43 -19.43 -25.80
CA SER A 170 -9.16 -18.02 -26.02
C SER A 170 -8.80 -17.71 -27.48
N ASP A 171 -8.39 -18.74 -28.22
CA ASP A 171 -8.07 -18.58 -29.63
C ASP A 171 -9.34 -18.64 -30.49
N THR A 172 -10.47 -18.95 -29.85
CA THR A 172 -11.75 -19.11 -30.56
C THR A 172 -12.65 -17.89 -30.49
N VAL A 173 -12.43 -17.03 -29.50
CA VAL A 173 -13.29 -15.85 -29.32
C VAL A 173 -13.22 -14.92 -30.54
N ASN A 174 -14.32 -14.23 -30.80
CA ASN A 174 -14.44 -13.31 -31.93
C ASN A 174 -14.33 -14.01 -33.29
N ASN A 175 -14.76 -15.27 -33.36
CA ASN A 175 -14.72 -16.04 -34.60
C ASN A 175 -15.94 -16.95 -34.77
N ASP A 176 -16.85 -16.56 -35.66
CA ASP A 176 -18.08 -17.33 -35.91
C ASP A 176 -17.89 -18.36 -37.02
N LYS A 177 -16.77 -18.26 -37.74
CA LYS A 177 -16.49 -19.17 -38.84
C LYS A 177 -16.20 -20.58 -38.34
N ILE A 178 -15.67 -20.66 -37.13
CA ILE A 178 -15.46 -21.94 -36.47
C ILE A 178 -16.46 -22.08 -35.33
N LYS A 179 -16.53 -23.28 -34.76
CA LYS A 179 -17.39 -23.53 -33.61
C LYS A 179 -16.69 -24.46 -32.62
N VAL A 180 -16.92 -24.27 -31.33
CA VAL A 180 -16.31 -25.11 -30.31
C VAL A 180 -17.18 -26.33 -30.05
N VAL A 181 -16.72 -27.48 -30.53
CA VAL A 181 -17.48 -28.73 -30.44
C VAL A 181 -17.59 -29.25 -29.01
N GLU A 182 -16.45 -29.30 -28.32
CA GLU A 182 -16.39 -29.81 -26.96
C GLU A 182 -15.10 -29.37 -26.30
N LYS A 183 -15.14 -29.14 -25.00
CA LYS A 183 -13.94 -28.82 -24.25
C LYS A 183 -13.37 -30.10 -23.64
N THR A 184 -12.08 -30.32 -23.83
CA THR A 184 -11.42 -31.51 -23.26
C THR A 184 -11.53 -31.47 -21.74
N ASP A 185 -11.66 -32.64 -21.14
CA ASP A 185 -11.71 -32.76 -19.71
C ASP A 185 -10.39 -32.27 -19.13
N GLU A 186 -10.47 -31.50 -18.06
CA GLU A 186 -9.27 -30.95 -17.43
C GLU A 186 -8.39 -32.03 -16.80
N LYS A 187 -9.01 -33.15 -16.40
CA LYS A 187 -8.30 -34.27 -15.80
C LYS A 187 -7.28 -34.91 -16.75
N THR A 188 -7.43 -34.62 -18.04
CA THR A 188 -6.68 -35.33 -19.08
C THR A 188 -5.38 -34.66 -19.51
N HIS A 189 -5.03 -33.53 -18.88
CA HIS A 189 -3.80 -32.81 -19.21
C HIS A 189 -3.31 -31.91 -18.09
N SER A 190 -2.03 -31.54 -18.15
CA SER A 190 -1.42 -30.62 -17.19
C SER A 190 -2.12 -29.27 -17.25
N PRO A 191 -2.30 -28.63 -16.09
CA PRO A 191 -3.00 -27.33 -16.02
C PRO A 191 -2.39 -26.29 -16.95
N ILE A 192 -3.23 -25.66 -17.77
CA ILE A 192 -2.80 -24.59 -18.66
C ILE A 192 -3.04 -23.25 -17.95
N THR A 193 -2.10 -22.84 -17.10
CA THR A 193 -2.31 -21.70 -16.22
C THR A 193 -1.40 -20.51 -16.50
N TYR A 194 -1.87 -19.33 -16.13
CA TYR A 194 -1.08 -18.11 -16.26
C TYR A 194 -0.85 -17.53 -14.87
N PRO A 195 0.36 -17.71 -14.33
CA PRO A 195 0.67 -17.19 -13.00
C PRO A 195 1.01 -15.71 -13.02
N VAL A 196 0.68 -15.00 -11.93
CA VAL A 196 1.03 -13.59 -11.79
C VAL A 196 1.87 -13.44 -10.53
N SER A 197 2.77 -12.45 -10.52
CA SER A 197 3.53 -12.14 -9.31
C SER A 197 4.02 -10.70 -9.31
N VAL A 198 4.10 -10.10 -8.11
CA VAL A 198 4.72 -8.78 -7.98
C VAL A 198 6.24 -8.98 -7.97
N ILE A 199 6.97 -8.12 -8.66
CA ILE A 199 8.41 -8.21 -8.73
C ILE A 199 9.07 -7.61 -7.48
N LYS A 200 10.08 -8.28 -6.94
CA LYS A 200 10.73 -7.87 -5.70
C LYS A 200 11.40 -6.51 -5.78
N ALA A 201 12.08 -6.26 -6.90
CA ALA A 201 12.83 -5.02 -7.08
C ALA A 201 11.95 -3.82 -7.35
N SER A 202 10.66 -4.05 -7.55
CA SER A 202 9.71 -2.98 -7.84
C SER A 202 9.74 -1.90 -6.76
N LYS A 203 9.66 -0.65 -7.20
CA LYS A 203 9.64 0.48 -6.28
C LYS A 203 8.21 0.86 -5.92
N ASN A 204 7.25 0.10 -6.44
CA ASN A 204 5.85 0.29 -6.11
C ASN A 204 5.17 -1.04 -5.81
N VAL A 205 5.68 -1.74 -4.79
CA VAL A 205 5.16 -3.05 -4.42
C VAL A 205 3.68 -3.01 -4.08
N ASP A 206 3.29 -2.08 -3.22
CA ASP A 206 1.90 -1.94 -2.81
C ASP A 206 0.94 -1.58 -3.95
N ALA A 207 1.33 -0.63 -4.78
CA ALA A 207 0.54 -0.29 -5.96
C ALA A 207 0.40 -1.49 -6.89
N ALA A 208 1.44 -2.32 -6.94
CA ALA A 208 1.42 -3.53 -7.76
C ALA A 208 0.52 -4.60 -7.15
N LYS A 209 0.59 -4.78 -5.84
CA LYS A 209 -0.28 -5.72 -5.13
C LYS A 209 -1.75 -5.37 -5.31
N LYS A 210 -2.04 -4.07 -5.29
CA LYS A 210 -3.40 -3.59 -5.44
C LYS A 210 -3.93 -3.82 -6.86
N PHE A 211 -3.06 -3.64 -7.86
CA PHE A 211 -3.45 -3.92 -9.23
C PHE A 211 -3.60 -5.41 -9.47
N GLU A 212 -2.78 -6.21 -8.79
CA GLU A 212 -2.89 -7.66 -8.90
C GLU A 212 -4.22 -8.15 -8.34
N GLU A 213 -4.68 -7.53 -7.24
N GLU A 213 -4.66 -7.51 -7.25
CA GLU A 213 -5.94 -7.95 -6.65
CA GLU A 213 -5.93 -7.84 -6.61
C GLU A 213 -7.15 -7.57 -7.50
C GLU A 213 -7.12 -7.57 -7.51
N PHE A 214 -6.99 -6.58 -8.39
CA PHE A 214 -8.04 -6.24 -9.33
C PHE A 214 -8.18 -7.37 -10.34
N LEU A 215 -7.04 -7.91 -10.75
CA LEU A 215 -6.99 -9.02 -11.70
C LEU A 215 -7.63 -10.27 -11.10
N LEU A 216 -7.42 -10.48 -9.80
CA LEU A 216 -7.93 -11.64 -9.11
C LEU A 216 -9.36 -11.43 -8.61
N SER A 217 -9.89 -10.23 -8.85
CA SER A 217 -11.24 -9.88 -8.40
C SER A 217 -12.31 -10.37 -9.37
N GLU A 218 -13.56 -10.40 -8.91
CA GLU A 218 -14.68 -10.88 -9.69
C GLU A 218 -14.84 -10.13 -11.01
N SER A 219 -14.73 -8.80 -10.95
CA SER A 219 -14.83 -7.98 -12.16
C SER A 219 -13.66 -8.19 -13.10
N GLY A 220 -12.46 -8.34 -12.54
CA GLY A 220 -11.26 -8.57 -13.35
C GLY A 220 -11.27 -9.95 -13.97
N GLN A 221 -11.67 -10.95 -13.20
CA GLN A 221 -11.82 -12.31 -13.71
C GLN A 221 -12.83 -12.36 -14.85
N LYS A 222 -13.95 -11.66 -14.69
CA LYS A 222 -14.97 -11.60 -15.73
C LYS A 222 -14.48 -10.93 -17.01
N ILE A 223 -13.48 -10.07 -16.87
CA ILE A 223 -12.86 -9.42 -18.03
C ILE A 223 -12.05 -10.45 -18.83
N PHE A 224 -11.27 -11.26 -18.13
CA PHE A 224 -10.49 -12.30 -18.78
C PHE A 224 -11.37 -13.36 -19.42
N GLU A 225 -12.58 -13.53 -18.89
CA GLU A 225 -13.55 -14.50 -19.44
C GLU A 225 -14.24 -14.01 -20.71
N GLU A 226 -14.21 -12.69 -20.94
CA GLU A 226 -14.69 -12.13 -22.19
C GLU A 226 -13.76 -12.55 -23.33
N PHE A 227 -12.51 -12.84 -22.97
CA PHE A 227 -11.50 -13.11 -23.97
C PHE A 227 -11.15 -14.59 -24.05
N GLY A 228 -12.02 -15.43 -23.48
CA GLY A 228 -11.89 -16.88 -23.62
C GLY A 228 -11.11 -17.55 -22.50
N TYR A 229 -10.58 -16.76 -21.59
CA TYR A 229 -9.87 -17.32 -20.45
C TYR A 229 -10.85 -17.80 -19.39
N LYS A 230 -10.34 -18.50 -18.38
CA LYS A 230 -11.20 -19.14 -17.40
C LYS A 230 -10.66 -18.94 -15.98
N LYS A 231 -11.59 -18.90 -15.03
CA LYS A 231 -11.27 -18.72 -13.61
C LYS A 231 -10.51 -19.92 -13.06
N VAL A 232 -9.60 -19.68 -12.10
CA VAL A 232 -8.80 -20.74 -11.51
C VAL A 232 -9.49 -21.41 -10.33
N GLU A 233 -9.84 -22.69 -10.50
CA GLU A 233 -10.37 -23.54 -9.42
C GLU A 233 -11.46 -22.90 -8.55
N SER B 5 -6.85 -10.99 4.48
CA SER B 5 -7.93 -10.11 4.05
C SER B 5 -8.08 -8.91 4.99
N VAL B 6 -7.57 -7.76 4.55
CA VAL B 6 -7.60 -6.54 5.36
C VAL B 6 -9.02 -6.11 5.73
N GLU B 7 -9.22 -5.72 6.98
CA GLU B 7 -10.50 -5.21 7.43
C GLU B 7 -10.40 -3.70 7.62
N LEU B 8 -11.21 -2.94 6.87
CA LEU B 8 -11.18 -1.48 6.94
C LEU B 8 -12.36 -0.91 7.70
N ASN B 9 -12.07 -0.13 8.75
CA ASN B 9 -13.12 0.59 9.45
C ASN B 9 -13.36 1.95 8.81
N ILE B 10 -14.52 2.09 8.18
CA ILE B 10 -14.93 3.35 7.56
C ILE B 10 -16.04 3.96 8.40
N SER B 11 -15.88 5.24 8.74
CA SER B 11 -16.95 5.98 9.40
C SER B 11 -17.42 7.12 8.49
N ALA B 12 -18.72 7.19 8.26
CA ALA B 12 -19.28 8.18 7.34
C ALA B 12 -20.49 8.88 7.95
N ALA B 13 -20.75 10.10 7.51
CA ALA B 13 -21.96 10.82 7.90
C ALA B 13 -23.17 9.96 7.58
N ALA B 14 -24.17 9.98 8.45
CA ALA B 14 -25.34 9.11 8.31
C ALA B 14 -26.11 9.33 7.01
N SER B 15 -25.92 10.52 6.42
N SER B 15 -25.92 10.50 6.40
CA SER B 15 -26.55 10.89 5.16
CA SER B 15 -26.62 10.83 5.16
C SER B 15 -26.08 10.04 3.99
C SER B 15 -26.07 10.06 3.96
N LEU B 16 -24.85 9.53 4.08
CA LEU B 16 -24.25 8.77 2.98
C LEU B 16 -24.69 7.31 2.96
N LYS B 17 -25.45 6.89 3.97
CA LYS B 17 -25.73 5.47 4.18
C LYS B 17 -26.22 4.68 2.96
N GLU B 18 -27.26 5.17 2.31
CA GLU B 18 -27.85 4.47 1.16
C GLU B 18 -26.86 4.35 0.00
N ALA B 19 -26.09 5.41 -0.22
CA ALA B 19 -25.10 5.42 -1.29
C ALA B 19 -23.86 4.62 -0.92
N ALA B 21 -23.78 1.92 0.82
CA ALA B 21 -24.06 0.49 0.66
C ALA B 21 -23.77 0.03 -0.76
N LYS B 22 -24.13 0.85 -1.74
CA LYS B 22 -23.84 0.53 -3.14
C LYS B 22 -22.34 0.61 -3.41
N ILE B 23 -21.67 1.59 -2.81
CA ILE B 23 -20.23 1.72 -2.90
C ILE B 23 -19.54 0.46 -2.36
N GLU B 24 -20.07 -0.05 -1.25
CA GLU B 24 -19.52 -1.22 -0.57
C GLU B 24 -19.56 -2.48 -1.43
N GLU B 25 -20.71 -2.74 -2.05
CA GLU B 25 -20.89 -3.95 -2.85
C GLU B 25 -20.11 -3.89 -4.15
N GLU B 26 -19.91 -2.67 -4.66
CA GLU B 26 -19.21 -2.48 -5.92
C GLU B 26 -17.71 -2.59 -5.74
N TYR B 27 -17.24 -2.38 -4.51
CA TYR B 27 -15.82 -2.49 -4.20
C TYR B 27 -15.46 -3.94 -3.86
N LYS B 28 -16.46 -4.75 -3.54
CA LYS B 28 -16.26 -6.19 -3.34
C LYS B 28 -15.80 -6.84 -4.65
N LYS B 29 -16.34 -6.34 -5.76
CA LYS B 29 -16.09 -6.89 -7.10
C LYS B 29 -14.74 -6.47 -7.67
N VAL B 30 -14.20 -5.37 -7.14
CA VAL B 30 -12.98 -4.76 -7.64
C VAL B 30 -11.78 -5.13 -6.74
N ASP B 31 -12.11 -5.49 -5.50
CA ASP B 31 -11.11 -5.96 -4.53
C ASP B 31 -11.77 -6.96 -3.58
N SER B 32 -11.47 -8.23 -3.76
CA SER B 32 -12.01 -9.30 -2.92
C SER B 32 -11.27 -9.42 -1.59
N ASN B 33 -10.11 -8.78 -1.51
CA ASN B 33 -9.23 -8.92 -0.37
C ASN B 33 -9.44 -7.85 0.71
N VAL B 34 -10.43 -6.99 0.52
CA VAL B 34 -10.75 -5.97 1.51
C VAL B 34 -12.14 -6.18 2.09
N LYS B 35 -12.22 -6.21 3.43
CA LYS B 35 -13.49 -6.34 4.11
C LYS B 35 -13.87 -4.98 4.71
N LEU B 36 -14.95 -4.38 4.21
CA LEU B 36 -15.36 -3.04 4.64
C LEU B 36 -16.42 -3.11 5.73
N THR B 37 -16.17 -2.38 6.82
CA THR B 37 -17.17 -2.22 7.87
C THR B 37 -17.46 -0.73 8.07
N VAL B 38 -18.67 -0.32 7.70
CA VAL B 38 -19.05 1.08 7.74
C VAL B 38 -20.08 1.38 8.84
N ASN B 39 -19.65 2.14 9.84
CA ASN B 39 -20.58 2.67 10.84
C ASN B 39 -20.84 4.15 10.59
N TYR B 40 -22.11 4.55 10.66
CA TYR B 40 -22.48 5.93 10.37
C TYR B 40 -22.73 6.72 11.66
N GLY B 41 -22.99 8.01 11.51
CA GLY B 41 -23.29 8.88 12.63
C GLY B 41 -23.15 10.33 12.22
N ALA B 42 -23.48 11.26 13.11
CA ALA B 42 -23.23 12.68 12.86
C ALA B 42 -21.73 12.94 12.84
N SER B 43 -21.31 13.92 12.04
CA SER B 43 -19.89 14.19 11.83
C SER B 43 -19.11 14.56 13.10
N GLY B 44 -19.78 15.22 14.03
CA GLY B 44 -19.16 15.64 15.28
C GLY B 44 -18.86 14.50 16.23
N SER B 45 -19.77 13.53 16.29
CA SER B 45 -19.61 12.37 17.16
C SER B 45 -18.56 11.42 16.60
N LEU B 46 -18.51 11.31 15.28
CA LEU B 46 -17.50 10.49 14.59
C LEU B 46 -16.12 11.09 14.76
N GLN B 47 -16.03 12.40 14.63
CA GLN B 47 -14.80 13.15 14.87
C GLN B 47 -14.33 12.92 16.30
N GLN B 48 -15.29 12.87 17.23
CA GLN B 48 -15.00 12.68 18.64
C GLN B 48 -14.30 11.34 18.88
N GLN B 49 -14.79 10.29 18.24
CA GLN B 49 -14.24 8.95 18.45
C GLN B 49 -12.81 8.81 17.95
N ILE B 50 -12.51 9.36 16.78
CA ILE B 50 -11.17 9.33 16.21
C ILE B 50 -10.16 9.98 17.18
N GLU B 51 -10.59 11.03 17.85
CA GLU B 51 -9.73 11.75 18.80
C GLU B 51 -9.45 10.96 20.07
N GLN B 52 -10.32 10.00 20.40
CA GLN B 52 -10.14 9.17 21.58
C GLN B 52 -9.27 7.95 21.28
N GLY B 53 -8.99 7.73 20.01
CA GLY B 53 -8.18 6.60 19.60
C GLY B 53 -8.97 5.42 19.06
N ALA B 54 -10.24 5.67 18.73
CA ALA B 54 -11.06 4.65 18.09
C ALA B 54 -10.41 4.26 16.77
N PRO B 55 -10.32 2.96 16.51
CA PRO B 55 -9.61 2.43 15.34
C PRO B 55 -10.40 2.60 14.05
N CYS B 56 -10.41 3.81 13.49
CA CYS B 56 -11.04 4.06 12.21
C CYS B 56 -9.97 4.32 11.16
N ASP B 57 -10.17 3.73 9.98
CA ASP B 57 -9.19 3.81 8.91
C ASP B 57 -9.46 4.98 7.95
N LEU B 58 -10.74 5.25 7.73
CA LEU B 58 -11.15 6.30 6.80
C LEU B 58 -12.38 7.05 7.32
N PHE B 59 -12.45 8.35 7.05
CA PHE B 59 -13.51 9.21 7.56
C PHE B 59 -14.14 10.02 6.43
N ILE B 60 -15.47 10.01 6.38
CA ILE B 60 -16.22 10.82 5.42
C ILE B 60 -17.21 11.69 6.18
N SER B 61 -16.96 12.99 6.25
CA SER B 61 -17.81 13.88 7.03
C SER B 61 -18.69 14.74 6.15
N ALA B 62 -19.77 15.26 6.74
CA ALA B 62 -20.58 16.28 6.10
C ALA B 62 -20.15 17.62 6.69
N GLY B 63 -19.33 18.36 5.95
CA GLY B 63 -18.78 19.61 6.44
C GLY B 63 -17.26 19.58 6.56
N GLN B 64 -16.64 20.75 6.40
CA GLN B 64 -15.19 20.88 6.45
C GLN B 64 -14.70 21.13 7.88
N LYS B 65 -15.63 21.45 8.77
CA LYS B 65 -15.33 21.82 10.16
C LYS B 65 -14.65 20.72 10.96
N GLN B 66 -15.22 19.51 10.90
CA GLN B 66 -14.72 18.40 11.68
C GLN B 66 -13.37 17.90 11.18
N LYS B 68 -10.71 19.93 9.77
CA LYS B 68 -9.58 20.79 10.15
C LYS B 68 -9.33 20.88 11.66
N VAL B 69 -10.24 20.32 12.44
CA VAL B 69 -9.98 20.11 13.86
C VAL B 69 -9.10 18.87 13.99
N LEU B 70 -9.51 17.79 13.33
CA LEU B 70 -8.73 16.56 13.27
C LEU B 70 -7.34 16.80 12.69
N ASP B 71 -7.29 17.57 11.61
CA ASP B 71 -6.03 17.91 10.95
C ASP B 71 -5.13 18.74 11.86
N GLU B 72 -5.75 19.62 12.65
CA GLU B 72 -5.01 20.46 13.60
C GLU B 72 -4.39 19.62 14.71
N GLU B 73 -5.06 18.52 15.06
CA GLU B 73 -4.55 17.60 16.08
C GLU B 73 -3.66 16.55 15.45
N LYS B 74 -3.43 16.68 14.15
CA LYS B 74 -2.54 15.77 13.41
C LYS B 74 -3.01 14.31 13.41
N LEU B 75 -4.32 14.11 13.36
CA LEU B 75 -4.89 12.76 13.36
C LEU B 75 -5.22 12.28 11.95
N LEU B 76 -4.87 13.08 10.95
CA LEU B 76 -5.17 12.75 9.55
C LEU B 76 -3.90 12.56 8.72
N VAL B 77 -3.95 11.65 7.74
CA VAL B 77 -2.94 11.62 6.71
C VAL B 77 -3.25 12.78 5.77
N SER B 78 -2.64 13.94 6.03
CA SER B 78 -3.03 15.20 5.39
C SER B 78 -3.13 15.20 3.86
N ASP B 79 -2.27 14.46 3.18
CA ASP B 79 -2.29 14.46 1.72
C ASP B 79 -3.48 13.66 1.15
N THR B 80 -4.22 12.99 2.03
CA THR B 80 -5.39 12.23 1.61
C THR B 80 -6.67 13.02 1.83
N LYS B 82 -9.35 15.22 0.67
CA LYS B 82 -9.92 15.59 -0.63
C LYS B 82 -11.40 15.87 -0.48
N ASP B 83 -11.94 16.71 -1.36
CA ASP B 83 -13.38 16.86 -1.47
C ASP B 83 -13.91 15.66 -2.24
N LEU B 84 -14.68 14.81 -1.56
CA LEU B 84 -15.20 13.60 -2.18
C LEU B 84 -16.38 13.92 -3.10
N VAL B 85 -17.33 14.66 -2.56
CA VAL B 85 -18.59 14.89 -3.26
C VAL B 85 -19.25 16.17 -2.77
N LYS B 86 -20.17 16.71 -3.56
CA LYS B 86 -20.90 17.92 -3.18
C LYS B 86 -22.40 17.73 -3.21
N ASN B 87 -23.12 18.70 -2.65
CA ASN B 87 -24.57 18.64 -2.63
C ASN B 87 -25.15 19.98 -3.08
N ASP B 88 -26.42 19.99 -3.44
CA ASP B 88 -27.10 21.23 -3.77
C ASP B 88 -28.22 21.49 -2.79
N LEU B 89 -28.35 22.76 -2.39
CA LEU B 89 -29.50 23.19 -1.60
C LEU B 89 -30.65 23.38 -2.58
N VAL B 90 -31.77 22.70 -2.36
CA VAL B 90 -32.89 22.83 -3.27
C VAL B 90 -34.16 23.31 -2.59
N LEU B 91 -34.96 24.07 -3.33
CA LEU B 91 -36.30 24.46 -2.90
C LEU B 91 -37.24 23.34 -3.30
N ILE B 92 -37.95 22.78 -2.32
CA ILE B 92 -38.92 21.72 -2.59
C ILE B 92 -40.33 22.14 -2.23
N SER B 93 -41.32 21.39 -2.70
CA SER B 93 -42.72 21.66 -2.40
C SER B 93 -43.49 20.35 -2.43
N SER B 94 -44.80 20.42 -2.16
CA SER B 94 -45.65 19.28 -2.41
C SER B 94 -45.69 19.11 -3.92
N ALA B 95 -45.80 17.87 -4.39
CA ALA B 95 -45.77 17.56 -5.81
C ALA B 95 -46.86 18.29 -6.59
N ASP B 96 -47.95 18.58 -5.90
CA ASP B 96 -49.13 19.19 -6.48
C ASP B 96 -49.14 20.72 -6.30
N SER B 97 -48.10 21.24 -5.67
CA SER B 97 -48.03 22.68 -5.38
C SER B 97 -47.83 23.51 -6.64
N SER B 98 -48.49 24.66 -6.66
CA SER B 98 -48.44 25.54 -7.82
C SER B 98 -47.17 26.40 -7.87
N VAL B 99 -46.30 26.25 -6.87
CA VAL B 99 -45.04 26.98 -6.81
C VAL B 99 -44.07 26.53 -7.91
N SER B 100 -43.43 27.49 -8.56
CA SER B 100 -42.57 27.20 -9.72
C SER B 100 -41.25 27.97 -9.71
N GLY B 101 -40.95 28.65 -8.60
CA GLY B 101 -39.70 29.37 -8.51
C GLY B 101 -39.38 30.00 -7.16
N LYS B 103 -38.96 32.98 -7.12
CA LYS B 103 -39.73 34.22 -7.30
C LYS B 103 -41.08 34.12 -6.63
N ASP B 104 -41.62 32.91 -6.52
CA ASP B 104 -42.93 32.70 -5.91
C ASP B 104 -42.91 32.91 -4.39
N LEU B 105 -41.72 32.88 -3.81
CA LEU B 105 -41.53 33.04 -2.37
C LEU B 105 -42.07 34.37 -1.83
N THR B 106 -41.75 35.45 -2.51
CA THR B 106 -42.13 36.80 -2.06
C THR B 106 -43.54 37.19 -2.52
N THR B 107 -44.23 36.24 -3.15
CA THR B 107 -45.63 36.43 -3.50
C THR B 107 -46.50 35.71 -2.48
N ASP B 108 -47.82 35.82 -2.63
CA ASP B 108 -48.75 35.20 -1.69
C ASP B 108 -49.17 33.81 -2.11
N LYS B 109 -48.40 33.22 -3.03
CA LYS B 109 -48.56 31.82 -3.36
C LYS B 109 -47.99 31.02 -2.20
N VAL B 110 -47.04 31.63 -1.50
CA VAL B 110 -46.37 30.99 -0.39
C VAL B 110 -46.76 31.62 0.96
N LYS B 111 -47.30 30.79 1.84
CA LYS B 111 -47.65 31.19 3.20
C LYS B 111 -46.51 30.86 4.15
N LYS B 112 -46.10 29.60 4.15
CA LYS B 112 -45.06 29.12 5.05
C LYS B 112 -43.83 28.61 4.32
N ILE B 113 -42.66 28.95 4.85
CA ILE B 113 -41.38 28.48 4.32
C ILE B 113 -40.64 27.72 5.42
N ALA B 114 -40.53 26.40 5.27
CA ALA B 114 -39.86 25.58 6.27
C ALA B 114 -38.34 25.55 6.05
N VAL B 115 -37.60 25.90 7.11
CA VAL B 115 -36.13 25.82 7.08
C VAL B 115 -35.63 25.25 8.40
N GLY B 116 -34.41 24.76 8.41
CA GLY B 116 -33.81 24.29 9.65
C GLY B 116 -33.27 25.45 10.46
N GLU B 117 -33.10 25.25 11.76
CA GLU B 117 -32.47 26.26 12.60
C GLU B 117 -31.09 26.58 12.05
N ALA B 118 -30.84 27.86 11.78
CA ALA B 118 -29.58 28.28 11.15
C ALA B 118 -28.36 28.02 12.03
N GLU B 119 -28.58 27.85 13.32
CA GLU B 119 -27.48 27.68 14.28
C GLU B 119 -27.10 26.22 14.54
N SER B 120 -28.02 25.30 14.31
CA SER B 120 -27.79 23.89 14.65
C SER B 120 -28.08 22.91 13.52
N VAL B 121 -28.57 23.43 12.40
CA VAL B 121 -28.87 22.60 11.23
C VAL B 121 -28.16 23.16 10.00
N PRO B 122 -27.28 22.35 9.40
CA PRO B 122 -26.49 22.77 8.23
C PRO B 122 -27.37 23.27 7.09
N ALA B 123 -28.38 22.50 6.71
CA ALA B 123 -29.33 22.92 5.68
C ALA B 123 -29.99 24.26 6.02
N GLY B 124 -30.10 24.56 7.31
CA GLY B 124 -30.61 25.84 7.76
C GLY B 124 -29.59 26.95 7.60
N LYS B 125 -28.33 26.63 7.88
CA LYS B 125 -27.24 27.57 7.72
C LYS B 125 -27.07 27.98 6.26
N TYR B 126 -27.21 27.02 5.36
CA TYR B 126 -27.07 27.30 3.93
C TYR B 126 -28.29 28.04 3.41
N ALA B 127 -29.47 27.68 3.92
CA ALA B 127 -30.70 28.37 3.57
C ALA B 127 -30.60 29.82 3.99
N ASP B 128 -30.11 30.04 5.20
CA ASP B 128 -29.91 31.37 5.75
C ASP B 128 -29.00 32.19 4.83
N GLU B 129 -27.84 31.64 4.51
CA GLU B 129 -26.89 32.29 3.61
C GLU B 129 -27.53 32.68 2.27
N VAL B 130 -28.34 31.77 1.72
CA VAL B 130 -29.03 32.03 0.47
C VAL B 130 -30.04 33.16 0.62
N LEU B 131 -30.92 33.05 1.61
CA LEU B 131 -31.91 34.09 1.88
C LEU B 131 -31.23 35.43 2.18
N THR B 132 -30.13 35.39 2.93
CA THR B 132 -29.34 36.59 3.22
C THR B 132 -28.73 37.19 1.95
N ASN B 133 -27.98 36.37 1.21
CA ASN B 133 -27.32 36.81 -0.01
C ASN B 133 -28.30 37.27 -1.10
N LEU B 134 -29.44 36.61 -1.18
CA LEU B 134 -30.48 36.98 -2.15
C LEU B 134 -31.30 38.18 -1.67
N ASN B 135 -30.98 38.68 -0.48
CA ASN B 135 -31.71 39.81 0.12
C ASN B 135 -33.21 39.54 0.21
N LEU B 136 -33.55 38.35 0.70
CA LEU B 136 -34.93 37.89 0.77
C LEU B 136 -35.30 37.60 2.22
N LYS B 137 -34.30 37.51 3.08
CA LYS B 137 -34.49 37.03 4.45
C LYS B 137 -35.39 37.90 5.33
N ASP B 138 -35.30 39.23 5.15
CA ASP B 138 -36.15 40.14 5.93
C ASP B 138 -37.60 40.06 5.49
N LYS B 139 -37.83 40.07 4.17
CA LYS B 139 -39.17 40.05 3.61
C LYS B 139 -39.92 38.76 3.91
N LEU B 140 -39.17 37.70 4.19
CA LEU B 140 -39.76 36.37 4.35
C LEU B 140 -39.85 35.93 5.81
N LYS B 141 -39.42 36.78 6.74
CA LYS B 141 -39.44 36.45 8.17
C LYS B 141 -40.84 36.11 8.66
N ASP B 142 -41.85 36.71 8.05
CA ASP B 142 -43.25 36.43 8.39
C ASP B 142 -43.72 35.09 7.86
N LYS B 143 -42.82 34.33 7.23
CA LYS B 143 -43.19 33.06 6.61
C LYS B 143 -42.30 31.92 7.09
N LEU B 144 -41.11 32.29 7.57
CA LEU B 144 -40.11 31.31 7.97
C LEU B 144 -40.51 30.55 9.25
N VAL B 145 -40.70 29.23 9.11
CA VAL B 145 -40.87 28.37 10.28
C VAL B 145 -39.63 27.49 10.42
N PHE B 146 -39.19 27.28 11.65
CA PHE B 146 -37.90 26.64 11.87
C PHE B 146 -38.00 25.20 12.38
N ALA B 147 -37.21 24.31 11.78
CA ALA B 147 -37.23 22.88 12.11
C ALA B 147 -35.93 22.47 12.79
N LYS B 148 -35.93 21.31 13.45
CA LYS B 148 -34.77 20.85 14.21
C LYS B 148 -33.84 19.96 13.38
N ASP B 149 -34.34 19.44 12.26
CA ASP B 149 -33.53 18.69 11.31
C ASP B 149 -34.13 18.71 9.90
N VAL B 150 -33.34 18.30 8.92
CA VAL B 150 -33.80 18.26 7.53
C VAL B 150 -34.97 17.30 7.37
N LYS B 151 -35.04 16.31 8.26
CA LYS B 151 -36.11 15.31 8.22
C LYS B 151 -37.44 15.92 8.67
N GLU B 152 -37.36 17.05 9.35
CA GLU B 152 -38.56 17.75 9.80
C GLU B 152 -39.05 18.75 8.75
N VAL B 153 -38.09 19.39 8.07
CA VAL B 153 -38.41 20.30 6.98
C VAL B 153 -39.23 19.58 5.91
N LEU B 154 -38.72 18.44 5.47
CA LEU B 154 -39.40 17.58 4.50
C LEU B 154 -40.80 17.18 4.98
N ALA B 155 -40.88 16.72 6.23
CA ALA B 155 -42.14 16.26 6.81
C ALA B 155 -43.20 17.34 6.91
N TRP B 156 -42.76 18.60 6.94
CA TRP B 156 -43.68 19.75 6.97
C TRP B 156 -44.11 20.15 5.56
N VAL B 157 -43.23 19.94 4.59
CA VAL B 157 -43.53 20.25 3.19
C VAL B 157 -44.53 19.24 2.62
N GLN B 158 -44.33 17.97 2.92
CA GLN B 158 -45.40 16.98 2.80
C GLN B 158 -46.32 17.28 3.97
N SER B 159 -47.54 16.75 3.95
CA SER B 159 -48.54 17.05 5.00
C SER B 159 -48.93 18.53 5.07
N GLY B 160 -48.39 19.34 4.15
CA GLY B 160 -48.83 20.70 3.95
C GLY B 160 -48.75 21.71 5.09
N ASN B 161 -47.92 21.45 6.10
CA ASN B 161 -47.73 22.42 7.16
C ASN B 161 -46.86 23.58 6.68
N ALA B 162 -46.03 23.31 5.68
CA ALA B 162 -45.29 24.36 4.98
C ALA B 162 -45.44 24.15 3.48
N ASP B 163 -45.66 25.24 2.75
CA ASP B 163 -45.86 25.16 1.30
C ASP B 163 -44.57 24.79 0.59
N VAL B 164 -43.45 25.15 1.20
CA VAL B 164 -42.16 25.10 0.54
C VAL B 164 -41.07 24.87 1.59
N GLY B 165 -39.91 24.37 1.17
CA GLY B 165 -38.83 24.10 2.10
C GLY B 165 -37.44 24.03 1.47
N PHE B 166 -36.41 24.17 2.30
CA PHE B 166 -35.03 24.06 1.82
C PHE B 166 -34.35 22.81 2.37
N VAL B 167 -33.98 21.90 1.47
CA VAL B 167 -33.28 20.67 1.83
C VAL B 167 -32.19 20.37 0.81
N TYR B 168 -31.39 19.34 1.07
CA TYR B 168 -30.40 18.92 0.09
C TYR B 168 -31.09 18.15 -1.02
N PHE B 169 -30.57 18.27 -2.25
CA PHE B 169 -31.14 17.54 -3.38
C PHE B 169 -31.13 16.04 -3.14
N SER B 170 -30.16 15.59 -2.36
CA SER B 170 -30.02 14.17 -2.04
C SER B 170 -31.13 13.63 -1.13
N ASP B 171 -31.83 14.54 -0.45
CA ASP B 171 -32.95 14.16 0.41
C ASP B 171 -34.21 13.98 -0.43
N THR B 172 -34.17 14.51 -1.65
CA THR B 172 -35.34 14.54 -2.53
C THR B 172 -35.48 13.27 -3.36
N VAL B 173 -34.37 12.56 -3.55
CA VAL B 173 -34.38 11.33 -4.36
C VAL B 173 -35.24 10.25 -3.70
N ASN B 174 -35.91 9.46 -4.53
CA ASN B 174 -36.84 8.44 -4.05
C ASN B 174 -37.95 8.97 -3.14
N ASN B 175 -38.52 10.09 -3.54
CA ASN B 175 -39.72 10.64 -2.92
C ASN B 175 -40.58 11.29 -4.01
N ASP B 176 -41.68 10.65 -4.36
CA ASP B 176 -42.59 11.22 -5.36
C ASP B 176 -43.60 12.16 -4.72
N LYS B 177 -43.60 12.19 -3.39
CA LYS B 177 -44.52 13.05 -2.64
C LYS B 177 -44.09 14.52 -2.70
N ILE B 178 -42.78 14.75 -2.74
CA ILE B 178 -42.27 16.11 -2.87
C ILE B 178 -41.54 16.29 -4.20
N LYS B 179 -41.61 17.50 -4.75
CA LYS B 179 -40.89 17.82 -5.98
C LYS B 179 -39.96 19.01 -5.73
N VAL B 180 -38.75 18.94 -6.28
CA VAL B 180 -37.83 20.07 -6.16
C VAL B 180 -38.21 21.14 -7.19
N VAL B 181 -38.37 22.37 -6.71
CA VAL B 181 -38.91 23.46 -7.51
C VAL B 181 -37.81 24.18 -8.28
N GLU B 182 -36.76 24.54 -7.55
CA GLU B 182 -35.62 25.23 -8.15
C GLU B 182 -34.33 24.89 -7.41
N LYS B 183 -33.25 24.72 -8.16
CA LYS B 183 -31.95 24.51 -7.56
C LYS B 183 -31.33 25.85 -7.18
N THR B 184 -30.91 25.98 -5.92
CA THR B 184 -30.28 27.22 -5.46
C THR B 184 -28.99 27.48 -6.23
N ASP B 185 -28.82 28.71 -6.70
CA ASP B 185 -27.58 29.15 -7.35
C ASP B 185 -26.38 28.83 -6.46
N GLU B 186 -25.43 28.08 -7.00
CA GLU B 186 -24.22 27.69 -6.27
C GLU B 186 -23.47 28.93 -5.74
N LYS B 187 -23.60 30.04 -6.45
CA LYS B 187 -22.90 31.27 -6.09
C LYS B 187 -23.39 31.92 -4.80
N THR B 188 -24.55 31.46 -4.31
CA THR B 188 -25.23 32.17 -3.22
C THR B 188 -25.02 31.58 -1.81
N HIS B 189 -24.18 30.56 -1.71
CA HIS B 189 -23.90 29.97 -0.40
C HIS B 189 -22.54 29.25 -0.33
N SER B 190 -22.13 28.92 0.89
CA SER B 190 -20.89 28.17 1.11
C SER B 190 -20.97 26.79 0.50
N PRO B 191 -19.84 26.27 0.00
CA PRO B 191 -19.79 24.95 -0.64
C PRO B 191 -20.32 23.86 0.29
N ILE B 192 -21.31 23.09 -0.17
CA ILE B 192 -21.80 21.95 0.60
C ILE B 192 -20.95 20.72 0.21
N THR B 193 -19.91 20.47 1.01
CA THR B 193 -18.90 19.47 0.67
C THR B 193 -18.86 18.32 1.66
N TYR B 194 -18.67 17.12 1.13
CA TYR B 194 -18.39 15.95 1.95
C TYR B 194 -16.94 15.55 1.73
N PRO B 195 -16.04 16.02 2.62
CA PRO B 195 -14.62 15.68 2.46
C PRO B 195 -14.30 14.31 3.04
N VAL B 196 -13.23 13.70 2.53
CA VAL B 196 -12.78 12.39 3.01
C VAL B 196 -11.29 12.48 3.33
N SER B 197 -10.84 11.68 4.29
CA SER B 197 -9.42 11.62 4.64
C SER B 197 -9.07 10.27 5.24
N VAL B 198 -7.82 9.84 5.04
CA VAL B 198 -7.33 8.64 5.72
C VAL B 198 -6.85 9.05 7.11
N ILE B 199 -7.19 8.26 8.12
CA ILE B 199 -6.77 8.53 9.50
C ILE B 199 -5.29 8.16 9.66
N LYS B 200 -4.53 9.05 10.32
CA LYS B 200 -3.09 8.88 10.50
C LYS B 200 -2.74 7.68 11.38
N ALA B 201 -3.59 7.41 12.37
CA ALA B 201 -3.36 6.32 13.31
C ALA B 201 -3.70 4.95 12.75
N SER B 202 -4.19 4.91 11.51
CA SER B 202 -4.60 3.66 10.88
C SER B 202 -3.45 2.67 10.70
N LYS B 203 -3.77 1.38 10.78
CA LYS B 203 -2.80 0.33 10.59
C LYS B 203 -2.88 -0.20 9.15
N ASN B 204 -3.77 0.39 8.37
CA ASN B 204 -3.98 -0.01 6.99
C ASN B 204 -4.07 1.19 6.07
N VAL B 205 -3.07 2.06 6.14
CA VAL B 205 -3.05 3.30 5.36
C VAL B 205 -3.16 3.06 3.85
N ASP B 206 -2.27 2.23 3.33
CA ASP B 206 -2.27 1.92 1.89
C ASP B 206 -3.59 1.35 1.40
N ALA B 207 -4.12 0.37 2.13
CA ALA B 207 -5.42 -0.20 1.81
C ALA B 207 -6.52 0.87 1.86
N ALA B 208 -6.42 1.77 2.84
CA ALA B 208 -7.38 2.85 2.97
C ALA B 208 -7.24 3.88 1.86
N LYS B 209 -5.99 4.24 1.53
CA LYS B 209 -5.72 5.17 0.44
C LYS B 209 -6.27 4.63 -0.87
N LYS B 210 -6.06 3.34 -1.08
CA LYS B 210 -6.58 2.63 -2.25
C LYS B 210 -8.10 2.71 -2.32
N PHE B 211 -8.77 2.49 -1.20
CA PHE B 211 -10.23 2.57 -1.18
C PHE B 211 -10.75 3.98 -1.41
N GLU B 212 -10.04 4.96 -0.86
CA GLU B 212 -10.41 6.37 -1.06
C GLU B 212 -10.32 6.71 -2.54
N GLU B 213 -9.28 6.21 -3.20
CA GLU B 213 -9.12 6.40 -4.63
C GLU B 213 -10.28 5.83 -5.43
N PHE B 214 -10.90 4.77 -4.93
CA PHE B 214 -12.09 4.20 -5.56
C PHE B 214 -13.26 5.18 -5.47
N LEU B 215 -13.43 5.78 -4.30
CA LEU B 215 -14.45 6.80 -4.08
C LEU B 215 -14.20 7.99 -4.99
N LEU B 216 -12.93 8.37 -5.11
CA LEU B 216 -12.52 9.52 -5.92
C LEU B 216 -12.49 9.22 -7.42
N SER B 217 -12.78 7.97 -7.79
CA SER B 217 -12.70 7.55 -9.19
C SER B 217 -14.04 7.54 -9.89
N GLU B 218 -14.02 7.47 -11.21
CA GLU B 218 -15.22 7.57 -12.03
C GLU B 218 -16.33 6.60 -11.63
N SER B 219 -15.94 5.42 -11.17
CA SER B 219 -16.92 4.43 -10.75
C SER B 219 -17.58 4.81 -9.43
N GLY B 220 -16.78 5.26 -8.47
CA GLY B 220 -17.30 5.73 -7.21
C GLY B 220 -18.12 6.99 -7.37
N GLN B 221 -17.60 7.93 -8.17
CA GLN B 221 -18.29 9.17 -8.48
C GLN B 221 -19.66 8.93 -9.09
N LYS B 222 -19.73 8.03 -10.07
CA LYS B 222 -20.98 7.73 -10.75
C LYS B 222 -22.00 7.07 -9.81
N ILE B 223 -21.50 6.39 -8.78
CA ILE B 223 -22.35 5.78 -7.76
C ILE B 223 -22.98 6.83 -6.84
N PHE B 224 -22.17 7.78 -6.37
CA PHE B 224 -22.68 8.86 -5.53
C PHE B 224 -23.73 9.68 -6.29
N GLU B 225 -23.52 9.85 -7.59
CA GLU B 225 -24.41 10.62 -8.44
C GLU B 225 -25.78 9.94 -8.63
N GLU B 226 -25.84 8.64 -8.36
CA GLU B 226 -27.09 7.91 -8.47
C GLU B 226 -28.00 8.18 -7.26
N PHE B 227 -27.41 8.76 -6.22
CA PHE B 227 -28.17 9.06 -5.02
C PHE B 227 -28.30 10.56 -4.74
N GLY B 228 -28.12 11.38 -5.79
CA GLY B 228 -28.37 12.80 -5.70
C GLY B 228 -27.16 13.69 -5.42
N TYR B 229 -26.03 13.07 -5.07
CA TYR B 229 -24.82 13.83 -4.80
C TYR B 229 -24.18 14.31 -6.10
N LYS B 230 -23.25 15.25 -6.01
CA LYS B 230 -22.75 15.93 -7.20
C LYS B 230 -21.22 15.98 -7.31
N LYS B 231 -20.76 16.20 -8.53
CA LYS B 231 -19.33 16.28 -8.83
C LYS B 231 -18.70 17.48 -8.11
N VAL B 232 -17.51 17.29 -7.55
CA VAL B 232 -16.78 18.39 -6.92
C VAL B 232 -16.27 19.36 -8.00
N GLU B 233 -16.48 20.65 -7.77
CA GLU B 233 -16.10 21.69 -8.74
C GLU B 233 -14.60 21.67 -8.99
N SER C 5 30.09 14.89 -6.59
CA SER C 5 28.82 14.21 -6.83
C SER C 5 29.07 12.97 -7.68
N VAL C 6 29.17 11.82 -7.03
CA VAL C 6 29.50 10.58 -7.72
C VAL C 6 28.34 9.60 -7.69
N GLU C 7 27.97 9.07 -8.84
CA GLU C 7 26.97 8.01 -8.90
C GLU C 7 27.66 6.66 -8.87
N LEU C 8 27.19 5.78 -8.00
CA LEU C 8 27.72 4.42 -7.92
C LEU C 8 26.68 3.43 -8.43
N ASN C 9 27.08 2.60 -9.39
CA ASN C 9 26.21 1.55 -9.87
C ASN C 9 26.51 0.25 -9.13
N ILE C 10 25.51 -0.26 -8.42
CA ILE C 10 25.69 -1.47 -7.63
C ILE C 10 24.78 -2.60 -8.08
N SER C 11 25.41 -3.71 -8.47
CA SER C 11 24.69 -4.93 -8.81
C SER C 11 24.77 -5.89 -7.63
N ALA C 12 23.62 -6.26 -7.08
CA ALA C 12 23.59 -7.11 -5.89
C ALA C 12 22.49 -8.15 -6.01
N ALA C 13 22.70 -9.30 -5.36
CA ALA C 13 21.66 -10.32 -5.28
C ALA C 13 20.43 -9.74 -4.59
N ALA C 14 19.24 -10.17 -5.01
CA ALA C 14 18.01 -9.63 -4.45
C ALA C 14 17.76 -10.01 -2.99
N SER C 15 18.67 -10.79 -2.41
CA SER C 15 18.59 -11.14 -1.00
C SER C 15 18.79 -9.90 -0.14
N LEU C 16 19.73 -9.05 -0.55
CA LEU C 16 20.20 -7.95 0.29
C LEU C 16 19.34 -6.68 0.22
N LYS C 17 18.30 -6.69 -0.60
CA LYS C 17 17.50 -5.49 -0.89
C LYS C 17 17.05 -4.70 0.34
N GLU C 18 16.48 -5.40 1.31
CA GLU C 18 15.97 -4.73 2.51
C GLU C 18 17.11 -4.20 3.37
N ALA C 19 18.23 -4.92 3.39
CA ALA C 19 19.40 -4.49 4.13
C ALA C 19 20.08 -3.30 3.48
N ALA C 21 18.78 -1.07 1.70
CA ALA C 21 17.93 0.11 1.84
C ALA C 21 18.30 0.88 3.10
N LYS C 22 18.81 0.17 4.09
CA LYS C 22 19.29 0.80 5.32
C LYS C 22 20.77 1.20 5.18
N ILE C 23 21.48 0.53 4.27
CA ILE C 23 22.86 0.89 3.96
C ILE C 23 22.89 2.22 3.19
N GLU C 24 22.01 2.36 2.20
CA GLU C 24 21.94 3.56 1.38
C GLU C 24 21.70 4.84 2.20
N GLU C 25 20.70 4.82 3.07
CA GLU C 25 20.36 6.00 3.86
C GLU C 25 21.42 6.32 4.91
N GLU C 26 22.20 5.32 5.29
CA GLU C 26 23.30 5.52 6.24
C GLU C 26 24.56 6.03 5.57
N TYR C 27 24.86 5.53 4.38
CA TYR C 27 26.00 6.01 3.60
C TYR C 27 25.75 7.43 3.16
N LYS C 28 24.47 7.79 3.06
CA LYS C 28 24.05 9.17 2.81
C LYS C 28 24.50 10.07 3.95
N LYS C 29 24.46 9.54 5.17
CA LYS C 29 24.96 10.25 6.35
C LYS C 29 26.48 10.34 6.33
N VAL C 30 27.13 9.20 6.06
CA VAL C 30 28.58 9.10 6.01
C VAL C 30 29.16 9.91 4.86
N ASP C 31 28.51 9.80 3.70
CA ASP C 31 28.93 10.54 2.50
C ASP C 31 27.72 11.20 1.86
N SER C 32 27.69 12.53 1.88
CA SER C 32 26.53 13.28 1.41
C SER C 32 26.40 13.31 -0.12
N ASN C 33 27.53 13.36 -0.81
CA ASN C 33 27.52 13.60 -2.25
C ASN C 33 27.74 12.37 -3.12
N VAL C 34 27.34 11.19 -2.64
CA VAL C 34 27.40 10.00 -3.47
C VAL C 34 26.01 9.42 -3.71
N LYS C 35 25.66 9.22 -4.98
CA LYS C 35 24.36 8.66 -5.33
C LYS C 35 24.46 7.16 -5.53
N LEU C 36 23.79 6.42 -4.64
CA LEU C 36 23.77 4.96 -4.74
C LEU C 36 22.54 4.47 -5.50
N THR C 37 22.78 3.83 -6.64
CA THR C 37 21.71 3.19 -7.41
C THR C 37 21.92 1.67 -7.40
N VAL C 38 21.06 0.95 -6.70
CA VAL C 38 21.25 -0.49 -6.55
C VAL C 38 20.42 -1.28 -7.56
N ASN C 39 21.10 -2.04 -8.40
CA ASN C 39 20.43 -2.94 -9.34
C ASN C 39 20.36 -4.35 -8.77
N TYR C 40 19.15 -4.90 -8.69
CA TYR C 40 18.96 -6.25 -8.17
C TYR C 40 18.61 -7.23 -9.28
N GLY C 41 19.37 -8.32 -9.36
CA GLY C 41 19.09 -9.38 -10.31
C GLY C 41 19.64 -10.70 -9.81
N ALA C 42 19.48 -11.74 -10.64
CA ALA C 42 20.12 -13.03 -10.36
C ALA C 42 21.62 -12.85 -10.54
N SER C 43 22.41 -13.47 -9.68
CA SER C 43 23.86 -13.32 -9.73
C SER C 43 24.44 -13.74 -11.07
N GLY C 44 23.82 -14.73 -11.70
CA GLY C 44 24.24 -15.21 -13.00
C GLY C 44 24.02 -14.19 -14.10
N SER C 45 22.93 -13.44 -14.00
CA SER C 45 22.60 -12.44 -15.02
C SER C 45 23.40 -11.16 -14.83
N LEU C 46 23.71 -10.82 -13.59
CA LEU C 46 24.56 -9.67 -13.30
C LEU C 46 25.97 -9.94 -13.79
N GLN C 47 26.40 -11.20 -13.65
CA GLN C 47 27.69 -11.64 -14.15
C GLN C 47 27.80 -11.42 -15.66
N GLN C 48 26.75 -11.78 -16.39
CA GLN C 48 26.72 -11.65 -17.84
C GLN C 48 26.82 -10.19 -18.27
N GLN C 49 26.08 -9.32 -17.59
CA GLN C 49 26.14 -7.90 -17.88
C GLN C 49 27.55 -7.36 -17.71
N ILE C 50 28.19 -7.75 -16.61
CA ILE C 50 29.58 -7.36 -16.35
C ILE C 50 30.51 -7.89 -17.44
N GLU C 51 30.23 -9.08 -17.96
CA GLU C 51 31.05 -9.70 -19.01
C GLU C 51 30.93 -9.01 -20.37
N GLN C 52 29.80 -8.36 -20.62
CA GLN C 52 29.57 -7.67 -21.87
C GLN C 52 30.28 -6.33 -21.92
N GLY C 53 30.84 -5.92 -20.79
CA GLY C 53 31.54 -4.64 -20.70
C GLY C 53 30.66 -3.55 -20.12
N ALA C 54 29.44 -3.92 -19.73
CA ALA C 54 28.50 -2.98 -19.13
C ALA C 54 29.13 -2.32 -17.91
N PRO C 55 28.72 -1.08 -17.61
CA PRO C 55 29.45 -0.34 -16.58
C PRO C 55 28.85 -0.48 -15.17
N CYS C 56 29.58 -1.18 -14.31
N CYS C 56 29.52 -1.23 -14.30
CA CYS C 56 29.23 -1.34 -12.90
CA CYS C 56 29.18 -1.17 -12.88
C CYS C 56 30.50 -1.15 -12.08
C CYS C 56 30.45 -1.18 -12.06
N ASP C 57 30.35 -0.62 -10.86
CA ASP C 57 31.47 -0.40 -9.98
C ASP C 57 31.70 -1.59 -9.10
N LEU C 58 30.65 -2.00 -8.39
CA LEU C 58 30.76 -3.03 -7.37
C LEU C 58 29.73 -4.17 -7.57
N PHE C 59 30.20 -5.41 -7.42
CA PHE C 59 29.34 -6.58 -7.57
C PHE C 59 29.23 -7.37 -6.27
N ILE C 60 28.00 -7.61 -5.84
CA ILE C 60 27.73 -8.45 -4.68
C ILE C 60 26.98 -9.69 -5.14
N SER C 61 27.64 -10.84 -5.04
CA SER C 61 27.09 -12.10 -5.54
C SER C 61 26.53 -12.98 -4.44
N ALA C 62 25.52 -13.77 -4.78
CA ALA C 62 25.01 -14.80 -3.88
C ALA C 62 25.73 -16.09 -4.21
N GLY C 63 26.80 -16.38 -3.48
CA GLY C 63 27.65 -17.51 -3.79
C GLY C 63 28.86 -17.09 -4.60
N GLN C 64 29.80 -18.01 -4.80
CA GLN C 64 31.06 -17.68 -5.44
C GLN C 64 31.22 -18.29 -6.84
N LYS C 65 30.17 -18.98 -7.29
CA LYS C 65 30.16 -19.58 -8.62
C LYS C 65 30.37 -18.54 -9.72
N GLN C 66 29.77 -17.37 -9.56
CA GLN C 66 29.86 -16.30 -10.54
C GLN C 66 31.15 -15.50 -10.40
N LYS C 68 33.90 -16.41 -9.52
CA LYS C 68 35.05 -17.22 -9.91
C LYS C 68 35.33 -17.04 -11.40
N VAL C 69 34.26 -17.02 -12.18
CA VAL C 69 34.35 -16.82 -13.62
C VAL C 69 34.91 -15.44 -13.96
N LEU C 70 34.40 -14.42 -13.26
CA LEU C 70 34.83 -13.04 -13.47
C LEU C 70 36.26 -12.81 -13.02
N ASP C 71 36.63 -13.37 -11.88
CA ASP C 71 37.99 -13.22 -11.35
C ASP C 71 39.01 -13.86 -12.26
N GLU C 72 38.62 -14.98 -12.87
CA GLU C 72 39.46 -15.64 -13.88
C GLU C 72 39.56 -14.79 -15.14
N GLU C 73 38.43 -14.24 -15.57
CA GLU C 73 38.36 -13.44 -16.79
C GLU C 73 38.95 -12.04 -16.65
N LYS C 74 39.61 -11.79 -15.52
CA LYS C 74 40.32 -10.52 -15.27
C LYS C 74 39.40 -9.30 -15.29
N LEU C 75 38.15 -9.49 -14.89
CA LEU C 75 37.16 -8.41 -14.91
C LEU C 75 36.98 -7.78 -13.53
N LEU C 76 37.71 -8.28 -12.54
CA LEU C 76 37.60 -7.79 -11.16
C LEU C 76 38.90 -7.18 -10.67
N VAL C 77 38.82 -6.43 -9.56
CA VAL C 77 40.00 -6.02 -8.80
C VAL C 77 40.20 -7.07 -7.69
N SER C 78 41.09 -8.03 -7.95
CA SER C 78 41.27 -9.20 -7.09
C SER C 78 41.44 -8.88 -5.60
N ASP C 79 42.09 -7.75 -5.31
CA ASP C 79 42.37 -7.34 -3.94
C ASP C 79 41.14 -6.80 -3.24
N THR C 80 40.04 -6.69 -3.99
CA THR C 80 38.79 -6.19 -3.45
C THR C 80 37.75 -7.30 -3.32
N LYS C 82 36.38 -9.94 -1.32
CA LYS C 82 36.26 -10.58 -0.01
C LYS C 82 34.83 -11.01 0.24
N ASP C 83 34.64 -11.85 1.25
CA ASP C 83 33.30 -12.30 1.62
C ASP C 83 32.64 -11.26 2.50
N LEU C 84 31.62 -10.59 1.96
CA LEU C 84 30.93 -9.52 2.67
C LEU C 84 30.19 -10.03 3.91
N VAL C 85 29.28 -10.98 3.68
CA VAL C 85 28.50 -11.57 4.76
C VAL C 85 28.30 -13.06 4.53
N LYS C 86 27.94 -13.75 5.61
CA LYS C 86 27.52 -15.15 5.51
C LYS C 86 26.09 -15.28 5.98
N ASN C 87 25.49 -16.44 5.75
CA ASN C 87 24.16 -16.73 6.30
C ASN C 87 24.21 -17.93 7.23
N ASP C 88 23.26 -17.97 8.18
CA ASP C 88 23.14 -19.13 9.05
C ASP C 88 21.85 -19.88 8.75
N LEU C 89 21.93 -21.21 8.76
CA LEU C 89 20.76 -22.05 8.61
C LEU C 89 20.21 -22.29 10.01
N VAL C 90 18.98 -21.83 10.24
CA VAL C 90 18.39 -21.97 11.58
C VAL C 90 17.15 -22.86 11.59
N LEU C 91 16.89 -23.46 12.74
CA LEU C 91 15.66 -24.21 12.97
C LEU C 91 14.63 -23.28 13.59
N ILE C 92 13.40 -23.33 13.09
CA ILE C 92 12.33 -22.49 13.64
C ILE C 92 11.09 -23.29 14.03
N SER C 93 10.33 -22.74 14.97
CA SER C 93 8.99 -23.22 15.29
C SER C 93 8.16 -21.97 15.55
N SER C 94 6.86 -22.13 15.78
CA SER C 94 6.05 -20.98 16.17
C SER C 94 6.51 -20.49 17.53
N ALA C 95 6.09 -19.29 17.91
CA ALA C 95 6.44 -18.74 19.22
C ALA C 95 5.88 -19.63 20.33
N ASP C 96 6.74 -20.07 21.24
CA ASP C 96 6.36 -20.96 22.32
C ASP C 96 5.67 -22.25 21.83
N SER C 97 6.31 -22.93 20.87
CA SER C 97 5.77 -24.18 20.35
C SER C 97 6.26 -25.37 21.18
N SER C 98 6.96 -25.07 22.27
CA SER C 98 7.52 -26.08 23.18
C SER C 98 8.64 -26.93 22.57
N VAL C 99 9.01 -26.64 21.32
CA VAL C 99 10.18 -27.23 20.70
C VAL C 99 11.40 -26.46 21.19
N SER C 100 12.41 -27.19 21.67
CA SER C 100 13.55 -26.58 22.34
C SER C 100 14.88 -26.81 21.60
N GLY C 101 15.02 -27.97 20.98
CA GLY C 101 16.25 -28.30 20.29
C GLY C 101 16.11 -29.19 19.07
N LYS C 103 16.92 -32.16 18.95
CA LYS C 103 16.51 -33.47 19.45
C LYS C 103 15.05 -33.79 19.16
N ASP C 104 14.21 -32.77 19.24
CA ASP C 104 12.76 -32.93 19.12
C ASP C 104 12.32 -33.43 17.74
N LEU C 105 13.22 -33.31 16.76
CA LEU C 105 12.94 -33.76 15.39
C LEU C 105 12.61 -35.25 15.32
N THR C 106 13.23 -36.04 16.18
CA THR C 106 13.04 -37.49 16.19
C THR C 106 12.00 -37.96 17.20
N THR C 107 11.36 -37.01 17.89
CA THR C 107 10.31 -37.33 18.86
C THR C 107 8.93 -37.24 18.25
N ASP C 108 7.91 -37.53 19.05
CA ASP C 108 6.51 -37.44 18.59
C ASP C 108 6.00 -35.99 18.67
N LYS C 109 6.75 -35.16 19.39
CA LYS C 109 6.44 -33.73 19.49
C LYS C 109 6.43 -33.08 18.11
N VAL C 110 7.34 -33.56 17.26
CA VAL C 110 7.45 -33.10 15.88
C VAL C 110 7.07 -34.23 14.93
N LYS C 111 6.10 -33.97 14.07
CA LYS C 111 5.64 -34.97 13.11
C LYS C 111 5.74 -34.42 11.69
N LYS C 112 5.90 -33.11 11.56
CA LYS C 112 6.00 -32.48 10.24
C LYS C 112 7.13 -31.44 10.20
N ILE C 113 8.11 -31.69 9.33
CA ILE C 113 9.27 -30.82 9.18
C ILE C 113 9.27 -30.13 7.82
N ALA C 114 9.20 -28.80 7.82
CA ALA C 114 9.17 -28.05 6.57
C ALA C 114 10.57 -27.64 6.14
N VAL C 115 10.98 -28.08 4.95
CA VAL C 115 12.23 -27.62 4.34
C VAL C 115 11.97 -27.18 2.91
N GLY C 116 12.83 -26.34 2.36
CA GLY C 116 12.72 -26.00 0.95
C GLY C 116 13.02 -27.23 0.11
N GLU C 117 12.51 -27.24 -1.12
CA GLU C 117 12.78 -28.35 -2.03
C GLU C 117 14.30 -28.43 -2.24
N ALA C 118 14.83 -29.64 -2.27
CA ALA C 118 16.27 -29.85 -2.28
C ALA C 118 17.01 -29.22 -3.46
N GLU C 119 16.44 -29.32 -4.65
CA GLU C 119 17.13 -28.87 -5.87
C GLU C 119 16.56 -27.60 -6.50
N SER C 120 15.66 -26.93 -5.79
CA SER C 120 15.04 -25.71 -6.30
C SER C 120 15.26 -24.52 -5.36
N VAL C 121 15.29 -24.79 -4.06
CA VAL C 121 15.42 -23.73 -3.06
C VAL C 121 16.75 -23.84 -2.32
N PRO C 122 17.54 -22.75 -2.34
CA PRO C 122 18.85 -22.70 -1.68
C PRO C 122 18.80 -23.17 -0.23
N ALA C 123 17.88 -22.63 0.56
CA ALA C 123 17.74 -23.04 1.95
C ALA C 123 17.29 -24.50 2.07
N GLY C 124 16.67 -25.02 1.02
CA GLY C 124 16.27 -26.42 1.00
C GLY C 124 17.45 -27.32 0.69
N LYS C 125 18.43 -26.77 -0.01
CA LYS C 125 19.64 -27.51 -0.36
C LYS C 125 20.57 -27.65 0.85
N TYR C 126 20.68 -26.58 1.64
CA TYR C 126 21.56 -26.60 2.80
C TYR C 126 20.96 -27.39 3.96
N ALA C 127 19.65 -27.28 4.14
CA ALA C 127 18.96 -28.10 5.13
C ALA C 127 19.09 -29.58 4.77
N ASP C 128 19.14 -29.88 3.47
CA ASP C 128 19.36 -31.24 3.02
C ASP C 128 20.76 -31.73 3.41
N GLU C 129 21.76 -30.88 3.22
CA GLU C 129 23.13 -31.22 3.59
C GLU C 129 23.24 -31.48 5.09
N VAL C 130 22.52 -30.69 5.87
CA VAL C 130 22.51 -30.83 7.32
C VAL C 130 21.90 -32.17 7.79
N LEU C 131 20.66 -32.42 7.36
CA LEU C 131 19.96 -33.65 7.73
C LEU C 131 20.70 -34.89 7.23
N THR C 132 21.32 -34.77 6.06
CA THR C 132 22.13 -35.86 5.51
C THR C 132 23.38 -36.10 6.35
N ASN C 133 24.12 -35.03 6.63
CA ASN C 133 25.32 -35.13 7.45
C ASN C 133 25.02 -35.56 8.88
N LEU C 134 23.85 -35.18 9.38
CA LEU C 134 23.43 -35.55 10.73
C LEU C 134 22.83 -36.96 10.77
N ASN C 135 22.87 -37.66 9.64
CA ASN C 135 22.30 -39.01 9.51
C ASN C 135 20.81 -39.05 9.87
N LEU C 136 20.08 -38.00 9.51
CA LEU C 136 18.68 -37.87 9.88
C LEU C 136 17.73 -37.94 8.70
N LYS C 137 18.25 -37.69 7.50
CA LYS C 137 17.42 -37.61 6.29
C LYS C 137 16.58 -38.85 6.02
N ASP C 138 17.14 -40.03 6.26
CA ASP C 138 16.41 -41.27 6.02
C ASP C 138 15.36 -41.58 7.07
N LYS C 139 15.65 -41.26 8.33
CA LYS C 139 14.71 -41.50 9.42
C LYS C 139 13.50 -40.57 9.34
N LEU C 140 13.75 -39.33 8.90
CA LEU C 140 12.74 -38.27 8.96
C LEU C 140 11.92 -38.10 7.67
N LYS C 141 12.10 -39.01 6.73
CA LYS C 141 11.40 -38.93 5.45
C LYS C 141 9.88 -38.87 5.60
N ASP C 142 9.35 -39.55 6.62
CA ASP C 142 7.91 -39.54 6.86
C ASP C 142 7.44 -38.27 7.59
N LYS C 143 8.34 -37.30 7.75
CA LYS C 143 8.01 -36.03 8.38
C LYS C 143 8.34 -34.86 7.47
N LEU C 144 9.20 -35.09 6.50
CA LEU C 144 9.69 -34.02 5.63
C LEU C 144 8.68 -33.61 4.54
N VAL C 145 8.13 -32.40 4.67
CA VAL C 145 7.30 -31.83 3.63
C VAL C 145 8.05 -30.68 2.95
N PHE C 146 7.85 -30.51 1.65
CA PHE C 146 8.71 -29.63 0.87
C PHE C 146 7.99 -28.38 0.36
N ALA C 147 8.56 -27.21 0.64
CA ALA C 147 7.97 -25.92 0.24
C ALA C 147 8.63 -25.34 -1.00
N LYS C 148 7.93 -24.43 -1.68
CA LYS C 148 8.42 -23.83 -2.93
C LYS C 148 9.45 -22.73 -2.70
N ASP C 149 9.45 -22.17 -1.48
CA ASP C 149 10.45 -21.21 -1.03
C ASP C 149 10.29 -20.95 0.47
N VAL C 150 11.27 -20.26 1.06
CA VAL C 150 11.29 -20.04 2.51
C VAL C 150 10.07 -19.29 3.06
N LYS C 151 9.46 -18.46 2.22
CA LYS C 151 8.26 -17.73 2.63
C LYS C 151 7.14 -18.71 2.96
N GLU C 152 7.06 -19.79 2.21
CA GLU C 152 6.06 -20.83 2.43
C GLU C 152 6.43 -21.71 3.62
N VAL C 153 7.73 -21.94 3.82
CA VAL C 153 8.21 -22.62 5.02
C VAL C 153 7.74 -21.86 6.26
N LEU C 154 8.03 -20.57 6.27
CA LEU C 154 7.61 -19.68 7.35
C LEU C 154 6.09 -19.71 7.54
N ALA C 155 5.35 -19.68 6.44
CA ALA C 155 3.89 -19.71 6.47
C ALA C 155 3.35 -20.96 7.14
N TRP C 156 3.98 -22.10 6.88
CA TRP C 156 3.57 -23.38 7.44
C TRP C 156 3.86 -23.48 8.94
N VAL C 157 4.95 -22.85 9.36
CA VAL C 157 5.35 -22.86 10.76
C VAL C 157 4.54 -21.86 11.59
N GLN C 158 4.31 -20.67 11.04
CA GLN C 158 3.46 -19.67 11.67
C GLN C 158 2.05 -20.22 11.86
N SER C 159 1.54 -20.90 10.84
CA SER C 159 0.18 -21.43 10.85
C SER C 159 0.05 -22.72 11.66
N GLY C 160 1.12 -23.50 11.72
CA GLY C 160 1.11 -24.74 12.46
C GLY C 160 0.93 -25.97 11.59
N ASN C 161 0.86 -25.76 10.28
CA ASN C 161 0.80 -26.85 9.32
C ASN C 161 2.03 -27.73 9.47
N ALA C 162 3.17 -27.06 9.67
CA ALA C 162 4.42 -27.74 9.99
C ALA C 162 4.84 -27.32 11.40
N ASP C 163 5.23 -28.31 12.21
CA ASP C 163 5.65 -28.04 13.58
C ASP C 163 6.98 -27.32 13.62
N VAL C 164 7.79 -27.54 12.59
CA VAL C 164 9.17 -27.12 12.60
C VAL C 164 9.66 -26.86 11.17
N GLY C 165 10.57 -25.89 11.01
CA GLY C 165 11.08 -25.54 9.70
C GLY C 165 12.53 -25.12 9.66
N PHE C 166 13.14 -25.20 8.48
CA PHE C 166 14.49 -24.71 8.27
C PHE C 166 14.51 -23.52 7.32
N VAL C 167 15.03 -22.39 7.80
CA VAL C 167 15.23 -21.21 6.95
C VAL C 167 16.55 -20.54 7.32
N TYR C 168 16.91 -19.51 6.58
CA TYR C 168 18.06 -18.69 6.96
C TYR C 168 17.67 -17.86 8.18
N PHE C 169 18.65 -17.31 8.89
CA PHE C 169 18.36 -16.45 10.01
C PHE C 169 17.86 -15.10 9.53
N SER C 170 18.32 -14.68 8.36
CA SER C 170 17.93 -13.40 7.79
C SER C 170 16.47 -13.41 7.32
N ASP C 171 15.88 -14.60 7.27
CA ASP C 171 14.47 -14.75 6.90
C ASP C 171 13.56 -14.62 8.11
N THR C 172 14.16 -14.47 9.29
CA THR C 172 13.42 -14.56 10.56
C THR C 172 13.39 -13.28 11.40
N VAL C 173 14.07 -12.24 10.95
CA VAL C 173 14.12 -10.98 11.70
C VAL C 173 12.74 -10.29 11.73
N ASN C 174 12.48 -9.55 12.80
CA ASN C 174 11.25 -8.77 12.94
C ASN C 174 9.98 -9.61 12.82
N ASN C 175 10.10 -10.92 13.08
CA ASN C 175 8.95 -11.80 13.08
C ASN C 175 8.71 -12.40 14.46
N ASP C 176 7.58 -12.07 15.06
CA ASP C 176 7.29 -12.51 16.42
C ASP C 176 6.26 -13.63 16.45
N LYS C 177 5.99 -14.20 15.27
CA LYS C 177 5.03 -15.28 15.14
C LYS C 177 5.75 -16.63 15.11
N ILE C 178 7.08 -16.58 15.08
CA ILE C 178 7.91 -17.77 15.19
C ILE C 178 9.04 -17.57 16.18
N LYS C 179 9.77 -18.65 16.46
CA LYS C 179 10.94 -18.61 17.33
C LYS C 179 12.13 -19.29 16.66
N VAL C 180 13.26 -18.59 16.60
CA VAL C 180 14.51 -19.23 16.18
C VAL C 180 14.92 -20.16 17.30
N VAL C 181 14.66 -21.45 17.13
CA VAL C 181 14.98 -22.45 18.14
C VAL C 181 16.47 -22.71 18.25
N GLU C 182 17.10 -23.02 17.12
CA GLU C 182 18.51 -23.37 17.11
C GLU C 182 19.22 -23.06 15.79
N LYS C 183 20.47 -22.60 15.89
CA LYS C 183 21.32 -22.44 14.72
C LYS C 183 21.96 -23.78 14.37
N THR C 184 22.00 -24.10 13.08
CA THR C 184 22.66 -25.30 12.59
C THR C 184 24.19 -25.14 12.68
N ASP C 185 24.88 -26.21 13.06
CA ASP C 185 26.34 -26.25 13.01
C ASP C 185 26.87 -25.89 11.62
N GLU C 186 27.74 -24.90 11.55
CA GLU C 186 28.27 -24.43 10.27
C GLU C 186 29.09 -25.52 9.58
N LYS C 187 29.52 -26.52 10.36
CA LYS C 187 30.33 -27.62 9.86
C LYS C 187 29.51 -28.70 9.16
N THR C 188 28.19 -28.58 9.22
CA THR C 188 27.31 -29.62 8.68
C THR C 188 26.67 -29.25 7.35
N HIS C 189 27.11 -28.14 6.75
CA HIS C 189 26.64 -27.74 5.42
C HIS C 189 27.67 -26.85 4.71
N SER C 190 27.53 -26.74 3.39
CA SER C 190 28.44 -25.90 2.60
C SER C 190 28.35 -24.46 3.07
N PRO C 191 29.48 -23.73 3.04
CA PRO C 191 29.44 -22.31 3.45
C PRO C 191 28.48 -21.49 2.60
N ILE C 192 27.57 -20.77 3.25
CA ILE C 192 26.62 -19.91 2.56
C ILE C 192 27.15 -18.47 2.58
N THR C 193 27.92 -18.10 1.56
CA THR C 193 28.60 -16.80 1.57
C THR C 193 28.24 -15.87 0.41
N TYR C 194 28.22 -14.58 0.73
CA TYR C 194 28.07 -13.53 -0.28
C TYR C 194 29.39 -12.81 -0.47
N PRO C 195 30.06 -13.02 -1.62
CA PRO C 195 31.27 -12.26 -1.93
C PRO C 195 30.95 -10.84 -2.41
N VAL C 196 31.90 -9.93 -2.26
CA VAL C 196 31.77 -8.57 -2.78
C VAL C 196 33.04 -8.27 -3.58
N SER C 197 32.93 -7.39 -4.57
CA SER C 197 34.09 -7.02 -5.38
C SER C 197 33.87 -5.74 -6.19
N VAL C 198 34.95 -5.03 -6.48
CA VAL C 198 34.87 -3.86 -7.37
C VAL C 198 35.23 -4.28 -8.79
N ILE C 199 34.37 -3.94 -9.75
CA ILE C 199 34.63 -4.29 -11.14
C ILE C 199 35.74 -3.38 -11.68
N LYS C 200 36.59 -3.94 -12.54
CA LYS C 200 37.73 -3.24 -13.08
C LYS C 200 37.34 -1.98 -13.87
N ALA C 201 36.20 -2.04 -14.55
CA ALA C 201 35.81 -1.01 -15.50
C ALA C 201 35.01 0.16 -14.91
N SER C 202 35.00 0.29 -13.60
CA SER C 202 34.29 1.39 -12.95
C SER C 202 34.93 2.74 -13.25
N LYS C 203 34.10 3.76 -13.42
CA LYS C 203 34.59 5.13 -13.63
C LYS C 203 35.17 5.64 -12.32
N ASN C 204 34.71 5.08 -11.22
CA ASN C 204 35.13 5.49 -9.89
C ASN C 204 35.60 4.32 -9.04
N VAL C 205 36.77 3.78 -9.39
CA VAL C 205 37.38 2.67 -8.65
C VAL C 205 37.49 2.97 -7.16
N ASP C 206 38.04 4.13 -6.84
CA ASP C 206 38.27 4.53 -5.47
C ASP C 206 36.99 4.77 -4.68
N ALA C 207 36.02 5.44 -5.30
CA ALA C 207 34.74 5.71 -4.65
C ALA C 207 34.03 4.43 -4.21
N ALA C 208 34.13 3.40 -5.05
CA ALA C 208 33.53 2.10 -4.75
C ALA C 208 34.23 1.42 -3.58
N LYS C 209 35.54 1.59 -3.48
CA LYS C 209 36.31 0.98 -2.41
C LYS C 209 36.04 1.65 -1.07
N LYS C 210 35.80 2.96 -1.09
CA LYS C 210 35.41 3.69 0.11
C LYS C 210 33.98 3.31 0.49
N PHE C 211 33.25 2.74 -0.46
CA PHE C 211 31.93 2.17 -0.18
C PHE C 211 32.06 0.71 0.23
N GLU C 212 33.01 0.01 -0.39
CA GLU C 212 33.28 -1.38 -0.06
C GLU C 212 33.70 -1.53 1.40
N GLU C 213 34.70 -0.76 1.79
CA GLU C 213 35.20 -0.79 3.16
C GLU C 213 34.11 -0.41 4.15
N PHE C 214 33.20 0.48 3.75
CA PHE C 214 32.07 0.85 4.60
C PHE C 214 31.16 -0.34 4.86
N LEU C 215 30.92 -1.14 3.82
CA LEU C 215 30.13 -2.37 3.95
C LEU C 215 30.88 -3.40 4.79
N LEU C 216 32.20 -3.45 4.59
CA LEU C 216 33.08 -4.33 5.35
C LEU C 216 33.31 -3.80 6.77
N SER C 217 33.10 -2.50 6.96
CA SER C 217 33.33 -1.88 8.26
C SER C 217 32.24 -2.27 9.25
N GLU C 218 32.58 -2.16 10.52
CA GLU C 218 31.65 -2.40 11.62
C GLU C 218 30.33 -1.66 11.44
N SER C 219 30.40 -0.46 10.87
CA SER C 219 29.23 0.36 10.63
C SER C 219 28.25 -0.30 9.66
N GLY C 220 28.78 -0.99 8.65
CA GLY C 220 27.94 -1.71 7.72
C GLY C 220 27.67 -3.12 8.21
N GLN C 221 28.69 -3.74 8.81
CA GLN C 221 28.59 -5.11 9.30
C GLN C 221 27.65 -5.27 10.48
N LYS C 222 27.07 -4.15 10.94
CA LYS C 222 26.07 -4.19 12.01
C LYS C 222 24.68 -3.82 11.49
N ILE C 223 24.63 -3.17 10.33
CA ILE C 223 23.37 -2.98 9.63
C ILE C 223 22.93 -4.33 9.08
N PHE C 224 23.90 -5.09 8.58
CA PHE C 224 23.64 -6.45 8.08
C PHE C 224 23.22 -7.40 9.20
N GLU C 225 23.87 -7.27 10.36
CA GLU C 225 23.59 -8.13 11.50
C GLU C 225 22.15 -7.99 12.01
N GLU C 226 21.59 -6.79 11.90
CA GLU C 226 20.21 -6.55 12.31
C GLU C 226 19.27 -6.98 11.20
N PHE C 227 19.82 -7.34 10.05
CA PHE C 227 19.04 -7.93 8.98
C PHE C 227 19.29 -9.43 8.87
N GLY C 228 19.82 -10.01 9.95
CA GLY C 228 19.95 -11.45 10.06
C GLY C 228 21.23 -12.07 9.53
N TYR C 229 22.00 -11.28 8.78
CA TYR C 229 23.25 -11.81 8.22
C TYR C 229 24.34 -11.88 9.30
N LYS C 230 25.48 -12.46 8.94
CA LYS C 230 26.53 -12.70 9.92
C LYS C 230 27.90 -12.36 9.34
N LYS C 231 28.87 -12.14 10.22
CA LYS C 231 30.23 -11.83 9.79
C LYS C 231 30.89 -13.05 9.17
N VAL C 232 32.00 -12.82 8.46
CA VAL C 232 32.76 -13.90 7.86
C VAL C 232 34.14 -13.98 8.49
N VAL D 6 4.13 -9.08 29.61
CA VAL D 6 3.27 -8.06 30.19
C VAL D 6 2.73 -7.13 29.11
N GLU D 7 1.51 -6.63 29.30
CA GLU D 7 0.91 -5.72 28.34
C GLU D 7 0.90 -4.30 28.89
N LEU D 8 1.58 -3.39 28.20
CA LEU D 8 1.51 -1.98 28.53
C LEU D 8 0.62 -1.26 27.54
N ASN D 9 -0.26 -0.40 28.04
CA ASN D 9 -1.09 0.44 27.20
C ASN D 9 -0.54 1.87 27.15
N ILE D 10 -0.25 2.34 25.93
CA ILE D 10 0.30 3.68 25.76
C ILE D 10 -0.61 4.56 24.92
N SER D 11 -0.98 5.72 25.47
CA SER D 11 -1.65 6.75 24.69
C SER D 11 -0.60 7.77 24.25
N ALA D 12 -0.72 8.26 23.01
CA ALA D 12 0.26 9.20 22.46
C ALA D 12 -0.34 10.10 21.39
N ALA D 13 0.25 11.29 21.22
CA ALA D 13 -0.10 12.16 20.10
C ALA D 13 0.29 11.49 18.79
N ALA D 14 -0.59 11.54 17.80
CA ALA D 14 -0.41 10.79 16.56
C ALA D 14 0.81 11.21 15.73
N SER D 15 1.42 12.34 16.08
CA SER D 15 2.60 12.82 15.38
C SER D 15 3.85 12.03 15.74
N LEU D 16 3.74 11.17 16.76
CA LEU D 16 4.86 10.36 17.22
C LEU D 16 4.80 8.93 16.67
N LYS D 17 3.78 8.66 15.86
CA LYS D 17 3.55 7.31 15.34
C LYS D 17 4.73 6.73 14.55
N GLU D 18 5.38 7.56 13.75
CA GLU D 18 6.49 7.12 12.91
C GLU D 18 7.73 6.80 13.76
N ALA D 19 7.92 7.58 14.81
CA ALA D 19 9.05 7.36 15.72
C ALA D 19 8.77 6.22 16.69
N ALA D 21 7.09 3.51 16.07
CA ALA D 21 7.20 2.22 15.41
C ALA D 21 8.58 1.64 15.64
N LYS D 22 9.60 2.49 15.54
CA LYS D 22 10.98 2.09 15.79
C LYS D 22 11.23 1.75 17.25
N ILE D 23 10.55 2.44 18.15
CA ILE D 23 10.70 2.22 19.59
C ILE D 23 10.18 0.85 20.01
N GLU D 24 8.96 0.52 19.58
CA GLU D 24 8.37 -0.79 19.85
C GLU D 24 9.28 -1.88 19.33
N GLU D 25 9.62 -1.76 18.05
CA GLU D 25 10.48 -2.71 17.34
C GLU D 25 11.80 -2.94 18.07
N GLU D 26 12.42 -1.87 18.52
CA GLU D 26 13.65 -1.99 19.28
C GLU D 26 13.38 -2.66 20.62
N TYR D 27 12.34 -2.17 21.31
CA TYR D 27 12.03 -2.64 22.65
C TYR D 27 11.76 -4.14 22.71
N LYS D 28 11.35 -4.74 21.60
CA LYS D 28 11.23 -6.18 21.51
C LYS D 28 12.58 -6.84 21.74
N LYS D 29 13.62 -6.30 21.12
CA LYS D 29 14.98 -6.78 21.33
C LYS D 29 15.45 -6.43 22.74
N VAL D 30 15.19 -5.20 23.16
CA VAL D 30 15.57 -4.71 24.48
C VAL D 30 14.90 -5.50 25.59
N ASP D 31 13.64 -5.87 25.36
CA ASP D 31 12.88 -6.72 26.28
C ASP D 31 11.82 -7.49 25.49
N SER D 32 12.01 -8.80 25.37
CA SER D 32 11.09 -9.65 24.63
C SER D 32 9.76 -9.82 25.37
N ASN D 33 9.84 -9.83 26.70
CA ASN D 33 8.69 -10.10 27.56
C ASN D 33 7.48 -9.17 27.37
N VAL D 34 7.74 -7.89 27.16
CA VAL D 34 6.66 -6.90 27.10
C VAL D 34 6.20 -6.59 25.68
N LYS D 35 4.90 -6.68 25.44
CA LYS D 35 4.33 -6.18 24.19
C LYS D 35 3.57 -4.90 24.50
N LEU D 36 3.67 -3.92 23.61
CA LEU D 36 3.08 -2.62 23.85
C LEU D 36 1.93 -2.36 22.87
N THR D 37 0.79 -1.92 23.40
CA THR D 37 -0.31 -1.48 22.57
C THR D 37 -0.38 0.04 22.59
N VAL D 38 0.00 0.67 21.49
CA VAL D 38 0.04 2.14 21.43
C VAL D 38 -1.26 2.69 20.86
N ASN D 39 -1.80 3.71 21.53
CA ASN D 39 -3.06 4.31 21.11
C ASN D 39 -2.84 5.78 20.71
N TYR D 40 -3.44 6.20 19.61
CA TYR D 40 -3.22 7.54 19.09
C TYR D 40 -4.50 8.36 19.01
N GLY D 41 -4.46 9.57 19.56
CA GLY D 41 -5.58 10.49 19.51
C GLY D 41 -5.16 11.89 19.88
N ALA D 42 -6.14 12.76 20.13
CA ALA D 42 -5.86 14.12 20.59
C ALA D 42 -5.52 14.11 22.08
N SER D 43 -4.50 14.87 22.47
CA SER D 43 -4.07 14.93 23.86
C SER D 43 -5.18 15.37 24.81
N GLY D 44 -6.09 16.21 24.32
CA GLY D 44 -7.23 16.63 25.11
C GLY D 44 -8.16 15.48 25.42
N SER D 45 -8.50 14.70 24.41
CA SER D 45 -9.41 13.57 24.58
C SER D 45 -8.79 12.40 25.35
N LEU D 46 -7.50 12.18 25.13
CA LEU D 46 -6.77 11.16 25.87
C LEU D 46 -6.68 11.54 27.35
N GLN D 47 -6.57 12.84 27.60
CA GLN D 47 -6.63 13.39 28.95
C GLN D 47 -7.96 13.06 29.60
N GLN D 48 -9.04 13.13 28.82
CA GLN D 48 -10.38 12.81 29.29
C GLN D 48 -10.51 11.33 29.67
N GLN D 49 -10.08 10.47 28.77
CA GLN D 49 -10.16 9.02 29.00
C GLN D 49 -9.44 8.60 30.27
N ILE D 50 -8.26 9.19 30.51
CA ILE D 50 -7.51 8.93 31.74
C ILE D 50 -8.26 9.45 32.97
N GLU D 51 -8.89 10.61 32.83
CA GLU D 51 -9.72 11.17 33.89
C GLU D 51 -10.94 10.30 34.16
N GLN D 52 -11.46 9.67 33.12
CA GLN D 52 -12.64 8.84 33.22
C GLN D 52 -12.27 7.39 33.56
N GLY D 53 -10.98 7.15 33.74
CA GLY D 53 -10.53 5.86 34.24
C GLY D 53 -10.11 4.84 33.19
N ALA D 54 -9.82 5.29 31.98
CA ALA D 54 -9.32 4.39 30.95
C ALA D 54 -8.00 3.77 31.37
N PRO D 55 -7.89 2.45 31.22
CA PRO D 55 -6.69 1.71 31.63
C PRO D 55 -5.47 1.97 30.73
N CYS D 56 -4.79 3.09 30.99
N CYS D 56 -4.78 3.08 31.02
CA CYS D 56 -3.56 3.40 30.28
CA CYS D 56 -3.56 3.44 30.29
C CYS D 56 -2.40 3.24 31.25
C CYS D 56 -2.37 3.32 31.24
N ASP D 57 -1.27 2.78 30.75
CA ASP D 57 -0.08 2.59 31.56
C ASP D 57 0.88 3.77 31.45
N LEU D 58 0.88 4.42 30.29
CA LEU D 58 1.80 5.53 30.04
C LEU D 58 1.17 6.54 29.09
N PHE D 59 1.44 7.83 29.32
CA PHE D 59 0.85 8.89 28.52
C PHE D 59 1.92 9.86 28.01
N ILE D 60 1.92 10.09 26.70
CA ILE D 60 2.78 11.09 26.08
C ILE D 60 1.91 12.08 25.34
N SER D 61 1.83 13.31 25.84
CA SER D 61 0.99 14.32 25.20
C SER D 61 1.80 15.32 24.39
N ALA D 62 1.11 15.99 23.47
CA ALA D 62 1.72 17.13 22.80
C ALA D 62 1.49 18.35 23.68
N GLY D 63 2.51 18.71 24.45
CA GLY D 63 2.41 19.89 25.31
C GLY D 63 2.21 19.62 26.79
N GLN D 64 2.67 20.55 27.61
CA GLN D 64 2.57 20.47 29.06
C GLN D 64 1.14 20.58 29.57
N LYS D 65 0.31 21.33 28.85
CA LYS D 65 -1.05 21.67 29.28
C LYS D 65 -1.92 20.51 29.75
N GLN D 66 -2.10 19.52 28.89
CA GLN D 66 -2.92 18.35 29.24
C GLN D 66 -2.32 17.57 30.41
N LYS D 68 -0.32 18.76 32.74
CA LYS D 68 -0.37 19.60 33.92
C LYS D 68 -1.70 19.41 34.67
N VAL D 69 -2.79 19.38 33.92
CA VAL D 69 -4.12 19.16 34.49
C VAL D 69 -4.18 17.81 35.20
N LEU D 70 -3.56 16.80 34.60
CA LEU D 70 -3.54 15.45 35.16
C LEU D 70 -2.73 15.33 36.44
N ASP D 71 -1.60 16.04 36.50
CA ASP D 71 -0.74 16.01 37.68
C ASP D 71 -1.47 16.62 38.87
N GLU D 72 -2.08 17.78 38.65
CA GLU D 72 -2.89 18.44 39.67
C GLU D 72 -4.09 17.58 40.08
N GLU D 73 -4.68 16.89 39.10
CA GLU D 73 -5.81 16.02 39.35
C GLU D 73 -5.38 14.69 39.96
N LYS D 74 -4.09 14.58 40.28
CA LYS D 74 -3.56 13.47 41.06
C LYS D 74 -3.66 12.11 40.36
N LEU D 75 -3.50 12.09 39.05
CA LEU D 75 -3.66 10.86 38.29
C LEU D 75 -2.34 10.33 37.73
N LEU D 76 -1.26 11.07 37.95
CA LEU D 76 0.06 10.66 37.47
C LEU D 76 0.96 10.23 38.63
N VAL D 77 1.87 9.30 38.35
CA VAL D 77 2.98 9.05 39.27
C VAL D 77 3.97 10.20 39.04
N SER D 78 3.94 11.19 39.93
CA SER D 78 4.60 12.47 39.69
C SER D 78 6.11 12.41 39.41
N ASP D 79 6.79 11.46 40.05
CA ASP D 79 8.22 11.29 39.83
C ASP D 79 8.55 10.74 38.44
N THR D 80 7.52 10.29 37.73
CA THR D 80 7.67 9.80 36.36
C THR D 80 7.26 10.85 35.33
N LYS D 82 8.23 13.58 33.14
CA LYS D 82 9.41 14.20 32.54
C LYS D 82 9.16 14.60 31.08
N ASP D 83 10.04 15.44 30.54
CA ASP D 83 9.95 15.82 29.14
C ASP D 83 10.65 14.79 28.26
N LEU D 84 9.91 14.20 27.34
CA LEU D 84 10.44 13.15 26.48
C LEU D 84 11.33 13.73 25.38
N VAL D 85 10.72 14.47 24.46
CA VAL D 85 11.46 15.17 23.40
C VAL D 85 10.91 16.57 23.21
N LYS D 86 11.65 17.38 22.47
CA LYS D 86 11.16 18.70 22.06
C LYS D 86 11.26 18.82 20.54
N ASN D 87 10.67 19.86 19.99
CA ASN D 87 10.69 20.07 18.54
C ASN D 87 11.31 21.41 18.17
N ASP D 88 11.85 21.49 16.96
CA ASP D 88 12.45 22.74 16.47
C ASP D 88 11.62 23.35 15.36
N LEU D 89 11.30 24.64 15.51
CA LEU D 89 10.68 25.37 14.43
C LEU D 89 11.83 25.78 13.50
N VAL D 90 11.74 25.39 12.23
CA VAL D 90 12.79 25.75 11.29
C VAL D 90 12.29 26.53 10.09
N LEU D 91 13.20 27.24 9.44
CA LEU D 91 12.90 27.94 8.20
C LEU D 91 13.38 27.08 7.03
N ILE D 92 12.46 26.70 6.15
CA ILE D 92 12.80 25.87 5.00
C ILE D 92 12.61 26.64 3.70
N SER D 93 13.18 26.12 2.62
CA SER D 93 13.00 26.71 1.29
C SER D 93 13.20 25.66 0.22
N SER D 94 13.18 26.09 -1.04
CA SER D 94 13.53 25.21 -2.14
C SER D 94 14.99 24.82 -2.00
N ALA D 95 15.36 23.64 -2.47
CA ALA D 95 16.72 23.14 -2.34
C ALA D 95 17.71 23.99 -3.14
N ASP D 96 17.22 24.68 -4.16
CA ASP D 96 18.08 25.42 -5.06
C ASP D 96 17.83 26.93 -5.07
N SER D 97 17.85 27.56 -3.91
N SER D 97 17.86 27.54 -3.89
CA SER D 97 17.73 29.01 -3.87
CA SER D 97 17.65 28.98 -3.75
C SER D 97 18.69 29.63 -2.88
C SER D 97 18.70 29.63 -2.85
N SER D 98 18.83 30.95 -2.94
CA SER D 98 19.85 31.67 -2.19
C SER D 98 19.45 32.14 -0.78
N VAL D 99 18.35 31.61 -0.24
CA VAL D 99 17.98 31.93 1.13
C VAL D 99 18.97 31.28 2.10
N SER D 100 19.56 32.11 2.98
CA SER D 100 20.52 31.62 3.96
C SER D 100 20.15 32.03 5.38
N GLY D 101 19.23 32.99 5.50
CA GLY D 101 18.82 33.49 6.80
C GLY D 101 17.55 34.31 6.83
N LYS D 103 17.08 37.31 7.50
CA LYS D 103 17.20 38.67 6.98
C LYS D 103 16.77 38.75 5.52
N ASP D 104 16.67 37.59 4.88
CA ASP D 104 16.25 37.51 3.48
C ASP D 104 14.75 37.74 3.33
N LEU D 105 13.99 37.40 4.37
CA LEU D 105 12.53 37.56 4.37
C LEU D 105 12.14 39.02 4.13
N THR D 106 13.00 39.92 4.60
CA THR D 106 12.83 41.35 4.41
C THR D 106 13.13 41.74 2.96
N THR D 107 13.99 40.98 2.31
CA THR D 107 14.53 41.32 0.98
C THR D 107 13.61 41.00 -0.21
N ASP D 108 13.95 41.58 -1.36
CA ASP D 108 13.27 41.32 -2.63
C ASP D 108 13.34 39.85 -3.02
N LYS D 109 14.37 39.18 -2.52
CA LYS D 109 14.61 37.76 -2.75
C LYS D 109 13.42 36.92 -2.30
N VAL D 110 12.75 37.39 -1.25
CA VAL D 110 11.62 36.68 -0.67
C VAL D 110 10.30 37.41 -0.96
N LYS D 111 9.47 36.78 -1.77
CA LYS D 111 8.18 37.35 -2.16
C LYS D 111 7.03 36.69 -1.42
N LYS D 112 7.13 35.38 -1.22
CA LYS D 112 6.08 34.64 -0.54
C LYS D 112 6.60 33.77 0.61
N ILE D 113 5.98 33.92 1.77
CA ILE D 113 6.34 33.14 2.95
C ILE D 113 5.15 32.32 3.42
N ALA D 114 5.31 30.99 3.42
CA ALA D 114 4.23 30.09 3.80
C ALA D 114 4.27 29.74 5.28
N VAL D 115 3.19 30.04 6.00
CA VAL D 115 3.07 29.67 7.40
C VAL D 115 1.74 28.97 7.64
N GLY D 116 1.67 28.16 8.70
CA GLY D 116 0.41 27.56 9.07
C GLY D 116 -0.51 28.63 9.60
N GLU D 117 -1.82 28.37 9.59
CA GLU D 117 -2.77 29.29 10.17
C GLU D 117 -2.43 29.49 11.64
N ALA D 118 -2.32 30.75 12.06
CA ALA D 118 -1.84 31.07 13.41
C ALA D 118 -2.68 30.48 14.53
N GLU D 119 -3.96 30.25 14.27
CA GLU D 119 -4.91 29.85 15.32
C GLU D 119 -5.11 28.34 15.45
N SER D 120 -5.26 27.66 14.33
CA SER D 120 -5.57 26.23 14.34
C SER D 120 -4.54 25.34 13.65
N VAL D 121 -3.31 25.84 13.53
CA VAL D 121 -2.18 25.01 13.09
C VAL D 121 -1.02 25.25 14.05
N PRO D 122 -0.63 24.21 14.80
CA PRO D 122 0.43 24.34 15.82
C PRO D 122 1.71 25.00 15.30
N ALA D 123 2.19 24.59 14.13
CA ALA D 123 3.39 25.20 13.56
C ALA D 123 3.17 26.67 13.20
N GLY D 124 1.94 27.02 12.85
CA GLY D 124 1.62 28.40 12.53
C GLY D 124 1.57 29.30 13.76
N LYS D 125 1.18 28.70 14.89
CA LYS D 125 1.13 29.42 16.17
C LYS D 125 2.52 29.85 16.58
N TYR D 126 3.48 28.93 16.53
CA TYR D 126 4.85 29.23 16.89
C TYR D 126 5.52 30.14 15.86
N ALA D 127 5.20 29.93 14.59
CA ALA D 127 5.71 30.79 13.53
C ALA D 127 5.25 32.23 13.72
N ASP D 128 3.97 32.40 14.00
CA ASP D 128 3.41 33.70 14.33
C ASP D 128 4.09 34.28 15.57
N GLU D 129 4.30 33.43 16.56
CA GLU D 129 4.91 33.81 17.84
C GLU D 129 6.36 34.28 17.66
N VAL D 130 7.05 33.66 16.71
CA VAL D 130 8.45 34.00 16.43
C VAL D 130 8.58 35.33 15.67
N LEU D 131 7.80 35.46 14.61
CA LEU D 131 7.79 36.69 13.81
C LEU D 131 7.31 37.89 14.63
N THR D 132 6.39 37.63 15.57
CA THR D 132 5.91 38.66 16.49
C THR D 132 7.03 39.19 17.37
N ASN D 133 7.81 38.27 17.95
CA ASN D 133 8.88 38.65 18.87
C ASN D 133 10.11 39.25 18.19
N LEU D 134 10.22 39.02 16.88
CA LEU D 134 11.32 39.58 16.09
C LEU D 134 10.90 40.85 15.38
N ASN D 135 9.65 41.25 15.61
CA ASN D 135 9.07 42.44 14.98
C ASN D 135 9.20 42.39 13.45
N LEU D 136 8.82 41.25 12.88
CA LEU D 136 8.83 41.03 11.44
C LEU D 136 7.41 40.80 10.95
N LYS D 137 6.52 40.47 11.88
CA LYS D 137 5.15 40.11 11.58
C LYS D 137 4.41 41.18 10.78
N ASP D 138 4.56 42.44 11.20
CA ASP D 138 3.91 43.54 10.50
C ASP D 138 4.67 43.95 9.25
N LYS D 139 5.93 43.54 9.16
CA LYS D 139 6.78 43.86 8.01
C LYS D 139 6.54 42.93 6.82
N LEU D 140 5.92 41.78 7.07
CA LEU D 140 5.81 40.73 6.06
C LEU D 140 4.38 40.40 5.67
N LYS D 141 3.42 41.21 6.11
CA LYS D 141 2.01 40.96 5.84
C LYS D 141 1.68 40.93 4.34
N ASP D 142 2.53 41.57 3.54
CA ASP D 142 2.39 41.55 2.09
C ASP D 142 3.04 40.31 1.46
N LYS D 143 3.60 39.44 2.31
CA LYS D 143 4.30 38.25 1.84
C LYS D 143 3.75 36.96 2.44
N LEU D 144 3.15 37.08 3.62
CA LEU D 144 2.66 35.91 4.35
C LEU D 144 1.41 35.30 3.74
N VAL D 145 1.53 34.08 3.24
CA VAL D 145 0.38 33.30 2.77
C VAL D 145 0.10 32.19 3.78
N PHE D 146 -1.17 31.86 3.99
CA PHE D 146 -1.55 30.96 5.06
C PHE D 146 -2.07 29.59 4.58
N ALA D 147 -1.46 28.52 5.11
CA ALA D 147 -1.82 27.15 4.73
C ALA D 147 -2.62 26.43 5.80
N LYS D 148 -3.28 25.33 5.42
CA LYS D 148 -4.16 24.59 6.33
C LYS D 148 -3.38 23.64 7.24
N ASP D 149 -2.17 23.26 6.81
CA ASP D 149 -1.30 22.39 7.60
C ASP D 149 0.14 22.46 7.11
N VAL D 150 1.03 21.71 7.77
CA VAL D 150 2.45 21.75 7.42
C VAL D 150 2.75 21.05 6.09
N LYS D 151 1.92 20.07 5.73
CA LYS D 151 2.05 19.41 4.44
C LYS D 151 1.87 20.41 3.31
N GLU D 152 0.89 21.29 3.44
CA GLU D 152 0.65 22.33 2.44
C GLU D 152 1.77 23.38 2.44
N VAL D 153 2.33 23.66 3.62
CA VAL D 153 3.48 24.56 3.73
C VAL D 153 4.67 23.95 2.99
N LEU D 154 4.86 22.65 3.19
CA LEU D 154 5.90 21.90 2.47
C LEU D 154 5.65 21.93 0.96
N ALA D 155 4.43 21.55 0.57
CA ALA D 155 4.06 21.46 -0.85
C ALA D 155 4.20 22.77 -1.61
N TRP D 156 3.86 23.89 -0.97
CA TRP D 156 3.99 25.22 -1.57
C TRP D 156 5.44 25.61 -1.77
N VAL D 157 6.29 25.16 -0.84
CA VAL D 157 7.72 25.45 -0.89
C VAL D 157 8.40 24.56 -1.92
N GLN D 158 7.96 23.30 -2.02
CA GLN D 158 8.46 22.36 -3.02
C GLN D 158 8.06 22.78 -4.44
N SER D 159 6.78 23.09 -4.63
CA SER D 159 6.26 23.42 -5.95
C SER D 159 6.61 24.84 -6.38
N GLY D 160 7.16 25.64 -5.46
CA GLY D 160 7.60 26.98 -5.79
C GLY D 160 6.54 28.06 -5.64
N ASN D 161 5.38 27.69 -5.08
CA ASN D 161 4.31 28.65 -4.84
C ASN D 161 4.68 29.62 -3.72
N ALA D 162 5.55 29.17 -2.82
CA ALA D 162 6.08 30.00 -1.74
C ALA D 162 7.59 29.90 -1.73
N ASP D 163 8.26 31.04 -1.53
CA ASP D 163 9.72 31.06 -1.49
C ASP D 163 10.26 30.31 -0.29
N VAL D 164 9.75 30.65 0.88
CA VAL D 164 10.14 29.97 2.12
C VAL D 164 8.93 29.62 2.96
N GLY D 165 9.14 28.76 3.95
CA GLY D 165 8.06 28.34 4.82
C GLY D 165 8.51 28.08 6.24
N PHE D 166 7.56 28.06 7.17
CA PHE D 166 7.88 27.71 8.54
C PHE D 166 7.23 26.38 8.91
N VAL D 167 8.01 25.51 9.53
CA VAL D 167 7.60 24.14 9.76
C VAL D 167 8.49 23.51 10.82
N TYR D 168 8.10 22.35 11.37
CA TYR D 168 8.92 21.65 12.33
C TYR D 168 10.07 20.94 11.62
N PHE D 169 11.19 20.78 12.30
CA PHE D 169 12.33 20.06 11.74
C PHE D 169 11.96 18.59 11.52
N SER D 170 11.05 18.08 12.34
CA SER D 170 10.61 16.69 12.22
C SER D 170 9.69 16.49 11.01
N ASP D 171 9.32 17.59 10.36
CA ASP D 171 8.49 17.54 9.15
C ASP D 171 9.36 17.59 7.90
N THR D 172 10.68 17.51 8.09
CA THR D 172 11.64 17.74 7.00
C THR D 172 12.55 16.53 6.76
N VAL D 173 12.51 15.57 7.67
CA VAL D 173 13.43 14.42 7.61
C VAL D 173 13.26 13.56 6.36
N ASN D 174 14.39 13.20 5.75
CA ASN D 174 14.42 12.39 4.54
C ASN D 174 13.56 12.95 3.40
N ASN D 175 13.76 14.25 3.11
CA ASN D 175 13.09 14.91 1.99
C ASN D 175 14.07 15.80 1.24
N ASP D 176 14.57 15.28 0.12
CA ASP D 176 15.60 15.97 -0.65
C ASP D 176 15.11 17.21 -1.40
N LYS D 177 13.79 17.35 -1.52
CA LYS D 177 13.20 18.42 -2.33
C LYS D 177 13.23 19.78 -1.65
N ILE D 178 13.31 19.79 -0.33
CA ILE D 178 13.38 21.03 0.43
C ILE D 178 14.67 21.10 1.25
N LYS D 179 15.08 22.30 1.64
CA LYS D 179 16.27 22.44 2.47
C LYS D 179 16.01 23.26 3.74
N VAL D 180 16.45 22.72 4.88
CA VAL D 180 16.30 23.41 6.15
C VAL D 180 17.29 24.58 6.17
N VAL D 181 16.82 25.75 5.76
CA VAL D 181 17.68 26.93 5.65
C VAL D 181 18.26 27.34 6.99
N GLU D 182 17.38 27.45 7.98
CA GLU D 182 17.79 27.89 9.31
C GLU D 182 16.95 27.23 10.40
N LYS D 183 17.44 27.34 11.64
CA LYS D 183 16.72 26.84 12.80
C LYS D 183 16.32 28.04 13.66
N THR D 184 15.10 28.03 14.18
CA THR D 184 14.64 29.15 15.02
C THR D 184 15.19 29.02 16.44
N ASP D 185 15.57 30.16 17.03
CA ASP D 185 16.04 30.19 18.41
C ASP D 185 14.96 29.70 19.35
N GLU D 186 15.35 28.86 20.31
CA GLU D 186 14.43 28.36 21.32
C GLU D 186 13.83 29.51 22.14
N LYS D 187 14.61 30.57 22.31
CA LYS D 187 14.20 31.71 23.12
C LYS D 187 13.24 32.67 22.42
N THR D 188 12.93 32.39 21.16
CA THR D 188 12.02 33.23 20.39
C THR D 188 10.57 32.77 20.46
N HIS D 189 10.32 31.69 21.20
CA HIS D 189 8.97 31.16 21.37
C HIS D 189 8.86 30.27 22.61
N SER D 190 7.64 29.80 22.88
CA SER D 190 7.39 28.89 23.99
C SER D 190 7.83 27.48 23.63
N PRO D 191 8.37 26.73 24.61
CA PRO D 191 8.93 25.40 24.35
C PRO D 191 7.93 24.44 23.69
N ILE D 192 8.32 23.84 22.56
CA ILE D 192 7.49 22.85 21.90
C ILE D 192 7.89 21.47 22.44
N THR D 193 7.24 21.02 23.49
CA THR D 193 7.68 19.81 24.19
C THR D 193 6.64 18.71 24.29
N TYR D 194 7.12 17.47 24.38
CA TYR D 194 6.27 16.30 24.57
C TYR D 194 6.61 15.66 25.89
N PRO D 195 5.75 15.85 26.91
CA PRO D 195 6.00 15.22 28.22
C PRO D 195 5.52 13.77 28.23
N VAL D 196 6.09 12.95 29.11
CA VAL D 196 5.65 11.58 29.29
C VAL D 196 5.50 11.28 30.79
N SER D 197 4.48 10.51 31.15
CA SER D 197 4.27 10.14 32.55
C SER D 197 3.60 8.78 32.68
N VAL D 198 3.96 8.04 33.73
CA VAL D 198 3.26 6.82 34.07
C VAL D 198 1.95 7.21 34.77
N ILE D 199 0.86 6.52 34.44
CA ILE D 199 -0.44 6.78 35.07
C ILE D 199 -0.50 6.05 36.41
N LYS D 200 -1.07 6.70 37.43
CA LYS D 200 -1.11 6.14 38.78
C LYS D 200 -2.04 4.93 38.89
N ALA D 201 -3.13 4.97 38.13
CA ALA D 201 -4.13 3.89 38.18
C ALA D 201 -3.67 2.61 37.49
N SER D 202 -2.50 2.65 36.88
CA SER D 202 -1.92 1.47 36.24
C SER D 202 -1.64 0.35 37.25
N LYS D 203 -1.53 -0.87 36.76
CA LYS D 203 -1.15 -2.01 37.59
C LYS D 203 0.22 -2.51 37.17
N ASN D 204 0.90 -1.70 36.35
CA ASN D 204 2.20 -2.03 35.82
C ASN D 204 3.21 -0.89 35.95
N VAL D 205 3.10 -0.13 37.05
CA VAL D 205 3.99 1.00 37.32
C VAL D 205 5.45 0.56 37.21
N ASP D 206 5.75 -0.60 37.77
CA ASP D 206 7.09 -1.18 37.70
C ASP D 206 7.56 -1.35 36.25
N ALA D 207 6.72 -1.96 35.42
CA ALA D 207 7.04 -2.18 34.02
C ALA D 207 6.97 -0.89 33.20
N ALA D 208 5.99 -0.03 33.52
CA ALA D 208 5.82 1.23 32.84
C ALA D 208 7.01 2.17 33.05
N LYS D 209 7.54 2.19 34.27
CA LYS D 209 8.73 2.97 34.59
C LYS D 209 9.92 2.53 33.74
N LYS D 210 10.06 1.22 33.57
CA LYS D 210 11.17 0.65 32.81
C LYS D 210 11.13 1.05 31.35
N PHE D 211 9.93 1.11 30.78
CA PHE D 211 9.77 1.49 29.37
C PHE D 211 10.05 2.98 29.15
N GLU D 212 9.65 3.81 30.12
CA GLU D 212 9.88 5.24 30.04
C GLU D 212 11.38 5.55 30.14
N GLU D 213 12.06 4.79 30.99
CA GLU D 213 13.51 4.92 31.14
C GLU D 213 14.22 4.59 29.83
N PHE D 214 13.68 3.62 29.10
CA PHE D 214 14.23 3.28 27.78
C PHE D 214 14.02 4.44 26.81
N LEU D 215 12.85 5.07 26.90
CA LEU D 215 12.51 6.21 26.06
C LEU D 215 13.45 7.39 26.33
N LEU D 216 13.85 7.53 27.59
CA LEU D 216 14.71 8.64 28.00
C LEU D 216 16.18 8.27 27.90
N SER D 217 16.47 6.98 27.73
CA SER D 217 17.83 6.50 27.57
C SER D 217 18.42 6.95 26.23
N GLU D 218 19.75 6.94 26.15
CA GLU D 218 20.46 7.29 24.92
C GLU D 218 19.99 6.45 23.73
N SER D 219 19.76 5.17 23.98
CA SER D 219 19.32 4.23 22.96
C SER D 219 17.94 4.61 22.42
N GLY D 220 17.12 5.25 23.25
CA GLY D 220 15.79 5.66 22.83
C GLY D 220 15.78 7.06 22.23
N GLN D 221 16.57 7.95 22.80
CA GLN D 221 16.62 9.35 22.36
C GLN D 221 17.14 9.52 20.94
N LYS D 222 18.12 8.70 20.55
CA LYS D 222 18.67 8.75 19.20
C LYS D 222 17.65 8.24 18.17
N ILE D 223 16.76 7.37 18.61
CA ILE D 223 15.67 6.93 17.76
C ILE D 223 14.75 8.12 17.46
N PHE D 224 14.51 8.94 18.47
CA PHE D 224 13.69 10.13 18.30
C PHE D 224 14.40 11.18 17.45
N GLU D 225 15.72 11.22 17.55
CA GLU D 225 16.53 12.10 16.72
C GLU D 225 16.56 11.63 15.27
N GLU D 226 16.24 10.35 15.06
CA GLU D 226 16.18 9.78 13.72
C GLU D 226 14.98 10.32 12.95
N PHE D 227 14.05 10.94 13.67
CA PHE D 227 12.83 11.45 13.07
C PHE D 227 12.71 12.97 13.18
N GLY D 228 13.77 13.62 13.63
CA GLY D 228 13.83 15.08 13.64
C GLY D 228 13.54 15.70 14.99
N TYR D 229 13.24 14.87 15.99
CA TYR D 229 12.99 15.38 17.33
C TYR D 229 14.30 15.65 18.05
N LYS D 230 14.24 16.46 19.10
CA LYS D 230 15.43 16.86 19.83
C LYS D 230 15.26 16.56 21.31
N LYS D 231 16.37 16.37 22.02
CA LYS D 231 16.30 16.10 23.46
C LYS D 231 16.17 17.40 24.23
N VAL D 232 15.85 17.31 25.51
CA VAL D 232 15.70 18.48 26.37
C VAL D 232 16.66 18.43 27.55
#